data_7XYJ
#
_entry.id   7XYJ
#
_cell.length_a   54.910
_cell.length_b   132.350
_cell.length_c   234.110
_cell.angle_alpha   90.000
_cell.angle_beta   90.000
_cell.angle_gamma   90.000
#
_symmetry.space_group_name_H-M   'P 21 21 21'
#
loop_
_entity.id
_entity.type
_entity.pdbx_description
1 polymer 'Thymidylate synthase'
2 non-polymer "2'-DEOXYURIDINE 5'-MONOPHOSPHATE"
3 non-polymer 'PENTAETHYLENE GLYCOL'
4 non-polymer 'SULFATE ION'
5 non-polymer 2-[BIS-(2-HYDROXY-ETHYL)-AMINO]-2-HYDROXYMETHYL-PROPANE-1,3-DIOL
6 water water
#
_entity_poly.entity_id   1
_entity_poly.type   'polypeptide(L)'
_entity_poly.pdbx_seq_one_letter_code
;SNAMEGEHQYLNLVREILERGVKKDDRTGTGTLSIFGPQMRFSLRDDTIPVLTTKKIFWRGVVEELLWFIRGNTDAKELA
KKKIHIWNANGSREFLDSRGLYDRAEGDLGPVYGFQWRHFGAEYDTCSSDYTGKGIDQLANILKTLRENPDDRRMIMTAW
NPMDLHLMALPPCHMTAQFYVANGELSCQLYQRSGDVGLGVPFNIASYSLLTHLMASMVGLKPGEFILTLGDAHIYNTHI
EVLKKQLCRVPRPFPKLRILMAPEKIEDFTIDMFYLEGYQPHSGNLQMKMAV
;
_entity_poly.pdbx_strand_id   A,B,C,D
#
# COMPACT_ATOMS: atom_id res chain seq x y z
N SER A 1 7.50 0.01 5.52
CA SER A 1 8.20 -1.28 5.64
C SER A 1 7.17 -2.38 5.95
N ASN A 2 7.27 -3.54 5.29
CA ASN A 2 6.31 -4.63 5.43
C ASN A 2 7.00 -5.87 6.02
N ALA A 3 6.54 -6.31 7.21
CA ALA A 3 7.10 -7.39 8.03
C ALA A 3 7.33 -8.75 7.34
N MET A 4 6.43 -9.21 6.45
CA MET A 4 6.60 -10.54 5.85
C MET A 4 7.35 -10.53 4.50
N GLU A 5 8.04 -9.42 4.18
CA GLU A 5 8.87 -9.34 2.97
C GLU A 5 10.23 -10.03 3.23
N GLY A 6 10.56 -10.17 4.51
CA GLY A 6 11.76 -10.79 5.04
C GLY A 6 13.02 -10.22 4.46
N GLU A 7 13.89 -11.10 3.95
CA GLU A 7 15.16 -10.73 3.34
C GLU A 7 15.03 -9.97 2.02
N HIS A 8 13.87 -10.08 1.33
CA HIS A 8 13.62 -9.36 0.09
C HIS A 8 13.62 -7.84 0.29
N GLN A 9 13.26 -7.34 1.50
CA GLN A 9 13.32 -5.88 1.81
C GLN A 9 14.75 -5.38 1.67
N TYR A 10 15.71 -6.19 2.20
CA TYR A 10 17.13 -5.89 2.17
C TYR A 10 17.65 -5.89 0.72
N LEU A 11 17.27 -6.89 -0.06
CA LEU A 11 17.70 -7.01 -1.46
C LEU A 11 17.09 -5.91 -2.33
N ASN A 12 15.86 -5.49 -1.98
CA ASN A 12 15.16 -4.38 -2.65
C ASN A 12 15.79 -3.04 -2.31
N LEU A 13 16.29 -2.90 -1.07
CA LEU A 13 16.98 -1.68 -0.62
C LEU A 13 18.33 -1.51 -1.36
N VAL A 14 19.12 -2.61 -1.49
CA VAL A 14 20.39 -2.65 -2.22
C VAL A 14 20.10 -2.23 -3.67
N ARG A 15 19.11 -2.89 -4.32
CA ARG A 15 18.70 -2.56 -5.68
C ARG A 15 18.30 -1.09 -5.83
N GLU A 16 17.51 -0.56 -4.87
CA GLU A 16 17.05 0.85 -4.78
C GLU A 16 18.21 1.84 -4.71
N ILE A 17 19.18 1.63 -3.81
CA ILE A 17 20.36 2.51 -3.71
C ILE A 17 21.19 2.43 -5.03
N LEU A 18 21.30 1.23 -5.61
CA LEU A 18 22.04 0.97 -6.85
C LEU A 18 21.45 1.75 -8.04
N GLU A 19 20.11 1.72 -8.17
CA GLU A 19 19.38 2.37 -9.27
C GLU A 19 18.97 3.81 -9.06
N ARG A 20 18.69 4.21 -7.82
CA ARG A 20 18.20 5.56 -7.50
C ARG A 20 19.10 6.38 -6.57
N GLY A 21 20.11 5.77 -5.99
CA GLY A 21 21.03 6.44 -5.08
C GLY A 21 21.78 7.57 -5.76
N VAL A 22 22.07 8.64 -5.00
CA VAL A 22 22.81 9.79 -5.52
C VAL A 22 24.29 9.57 -5.26
N LYS A 23 25.15 10.08 -6.16
CA LYS A 23 26.60 10.03 -5.99
C LYS A 23 26.93 11.03 -4.87
N LYS A 24 27.45 10.52 -3.76
CA LYS A 24 27.77 11.30 -2.56
C LYS A 24 29.13 10.88 -2.05
N ASP A 25 29.96 11.86 -1.67
CA ASP A 25 31.29 11.61 -1.09
C ASP A 25 31.19 11.39 0.43
N ASP A 26 32.03 10.50 0.98
CA ASP A 26 32.07 10.23 2.42
C ASP A 26 33.19 11.06 3.07
N ARG A 27 33.53 10.80 4.36
CA ARG A 27 34.57 11.49 5.14
C ARG A 27 35.90 11.63 4.36
N THR A 28 36.41 10.49 3.84
CA THR A 28 37.64 10.44 3.03
C THR A 28 37.35 10.92 1.61
N GLY A 29 36.17 10.55 1.09
CA GLY A 29 35.71 10.85 -0.25
C GLY A 29 35.93 9.70 -1.21
N THR A 30 35.75 8.43 -0.70
CA THR A 30 35.90 7.17 -1.46
C THR A 30 34.72 6.96 -2.44
N GLY A 31 33.58 7.58 -2.11
CA GLY A 31 32.37 7.61 -2.91
C GLY A 31 31.33 6.59 -2.53
N THR A 32 30.07 7.05 -2.48
CA THR A 32 28.92 6.20 -2.20
C THR A 32 27.75 6.53 -3.13
N LEU A 33 26.77 5.62 -3.15
CA LEU A 33 25.45 5.81 -3.77
C LEU A 33 24.59 5.89 -2.53
N SER A 34 23.77 6.93 -2.41
CA SER A 34 23.06 7.21 -1.18
C SER A 34 21.57 7.57 -1.32
N ILE A 35 20.75 7.12 -0.36
CA ILE A 35 19.33 7.47 -0.22
C ILE A 35 19.09 7.82 1.28
N PHE A 36 18.09 8.67 1.56
CA PHE A 36 17.82 9.08 2.92
C PHE A 36 16.47 8.56 3.41
N GLY A 37 16.44 8.06 4.64
CA GLY A 37 15.23 7.64 5.33
C GLY A 37 14.60 6.29 5.03
N PRO A 38 15.28 5.26 4.44
CA PRO A 38 14.58 3.99 4.21
C PRO A 38 14.37 3.20 5.52
N GLN A 39 13.32 2.43 5.54
CA GLN A 39 12.92 1.64 6.70
C GLN A 39 12.74 0.17 6.30
N MET A 40 13.13 -0.76 7.20
CA MET A 40 12.95 -2.20 7.03
C MET A 40 12.29 -2.73 8.31
N ARG A 41 11.40 -3.72 8.17
CA ARG A 41 10.63 -4.32 9.26
C ARG A 41 10.77 -5.84 9.21
N PHE A 42 11.25 -6.45 10.31
CA PHE A 42 11.43 -7.90 10.37
C PHE A 42 10.60 -8.54 11.46
N SER A 43 9.83 -9.57 11.10
CA SER A 43 9.06 -10.33 12.08
C SER A 43 10.00 -11.22 12.87
N LEU A 44 9.84 -11.21 14.19
CA LEU A 44 10.60 -12.01 15.14
C LEU A 44 9.71 -13.09 15.73
N ARG A 45 8.49 -13.25 15.16
CA ARG A 45 7.49 -14.24 15.55
C ARG A 45 7.93 -15.63 15.14
N ASP A 46 7.41 -16.68 15.81
CA ASP A 46 7.75 -18.08 15.58
C ASP A 46 9.27 -18.33 15.70
N ASP A 47 9.94 -17.57 16.61
CA ASP A 47 11.36 -17.64 16.95
C ASP A 47 12.32 -17.16 15.85
N THR A 48 11.78 -16.61 14.75
CA THR A 48 12.56 -16.11 13.62
C THR A 48 13.52 -14.99 14.03
N ILE A 49 14.75 -15.03 13.49
CA ILE A 49 15.74 -13.99 13.70
C ILE A 49 16.31 -13.61 12.32
N PRO A 50 16.20 -12.34 11.89
CA PRO A 50 16.66 -11.97 10.54
C PRO A 50 18.17 -11.91 10.34
N VAL A 51 18.81 -13.10 10.27
CA VAL A 51 20.23 -13.22 9.99
C VAL A 51 20.26 -13.56 8.48
N LEU A 52 20.79 -12.65 7.64
CA LEU A 52 20.82 -12.80 6.17
C LEU A 52 21.32 -14.15 5.69
N THR A 53 20.67 -14.69 4.65
CA THR A 53 21.02 -15.99 4.06
C THR A 53 21.74 -15.78 2.71
N THR A 54 21.64 -14.56 2.08
CA THR A 54 22.29 -14.29 0.77
C THR A 54 23.79 -14.00 0.94
N LYS A 55 24.23 -13.87 2.19
CA LYS A 55 25.61 -13.67 2.58
C LYS A 55 25.77 -14.26 3.97
N LYS A 56 26.88 -14.96 4.25
CA LYS A 56 27.15 -15.51 5.58
C LYS A 56 27.48 -14.37 6.57
N ILE A 57 26.70 -14.26 7.66
CA ILE A 57 26.88 -13.27 8.72
C ILE A 57 27.76 -13.89 9.79
N PHE A 58 28.73 -13.12 10.32
CA PHE A 58 29.60 -13.57 11.41
C PHE A 58 28.79 -13.56 12.72
N TRP A 59 27.94 -14.59 12.91
CA TRP A 59 27.04 -14.71 14.07
C TRP A 59 27.75 -14.60 15.41
N ARG A 60 28.89 -15.30 15.58
CA ARG A 60 29.70 -15.27 16.81
C ARG A 60 30.14 -13.83 17.13
N GLY A 61 30.49 -13.05 16.10
CA GLY A 61 30.87 -11.64 16.21
C GLY A 61 29.71 -10.79 16.63
N VAL A 62 28.52 -11.03 16.05
CA VAL A 62 27.27 -10.35 16.38
C VAL A 62 26.99 -10.52 17.87
N VAL A 63 26.99 -11.78 18.33
CA VAL A 63 26.73 -12.17 19.72
C VAL A 63 27.71 -11.54 20.70
N GLU A 64 29.02 -11.78 20.51
CA GLU A 64 30.03 -11.26 21.43
C GLU A 64 30.05 -9.71 21.47
N GLU A 65 29.87 -9.03 20.34
CA GLU A 65 29.80 -7.57 20.34
C GLU A 65 28.57 -7.06 21.13
N LEU A 66 27.40 -7.71 20.96
CA LEU A 66 26.19 -7.35 21.69
C LEU A 66 26.33 -7.52 23.19
N LEU A 67 26.82 -8.69 23.65
CA LEU A 67 27.01 -8.99 25.07
C LEU A 67 27.96 -7.98 25.71
N TRP A 68 29.03 -7.62 24.98
CA TRP A 68 30.03 -6.62 25.35
C TRP A 68 29.33 -5.22 25.50
N PHE A 69 28.39 -4.87 24.59
CA PHE A 69 27.55 -3.65 24.68
C PHE A 69 26.66 -3.73 25.93
N ILE A 70 25.91 -4.86 26.08
CA ILE A 70 25.01 -5.09 27.23
C ILE A 70 25.77 -4.97 28.57
N ARG A 71 27.02 -5.45 28.65
CA ARG A 71 27.84 -5.32 29.87
C ARG A 71 28.30 -3.88 30.14
N GLY A 72 28.22 -3.03 29.11
CA GLY A 72 28.62 -1.62 29.17
C GLY A 72 30.11 -1.47 28.96
N ASN A 73 30.75 -2.51 28.38
CA ASN A 73 32.19 -2.59 28.11
C ASN A 73 32.56 -1.82 26.87
N THR A 74 33.77 -1.21 26.89
CA THR A 74 34.32 -0.35 25.84
C THR A 74 35.79 -0.69 25.50
N ASP A 75 36.30 -1.81 26.04
CA ASP A 75 37.65 -2.28 25.80
C ASP A 75 37.66 -3.25 24.62
N ALA A 76 38.25 -2.85 23.47
CA ALA A 76 38.38 -3.70 22.28
C ALA A 76 39.26 -4.93 22.55
N LYS A 77 40.19 -4.83 23.53
CA LYS A 77 41.07 -5.92 23.94
C LYS A 77 40.25 -7.06 24.56
N GLU A 78 39.09 -6.73 25.22
CA GLU A 78 38.20 -7.75 25.80
C GLU A 78 37.50 -8.55 24.71
N LEU A 79 37.24 -7.90 23.55
CA LEU A 79 36.65 -8.53 22.37
C LEU A 79 37.70 -9.39 21.69
N ALA A 80 38.93 -8.86 21.56
CA ALA A 80 40.10 -9.50 20.95
C ALA A 80 40.47 -10.82 21.62
N LYS A 81 40.25 -10.91 22.95
CA LYS A 81 40.47 -12.07 23.82
C LYS A 81 39.53 -13.23 23.41
N LYS A 82 38.31 -12.87 22.90
CA LYS A 82 37.27 -13.77 22.41
C LYS A 82 37.41 -14.06 20.91
N LYS A 83 38.56 -13.69 20.31
CA LYS A 83 38.91 -13.87 18.89
C LYS A 83 37.96 -13.16 17.96
N ILE A 84 37.50 -11.97 18.39
CA ILE A 84 36.64 -11.06 17.64
C ILE A 84 37.45 -9.79 17.54
N HIS A 85 37.89 -9.47 16.32
CA HIS A 85 38.84 -8.40 16.07
C HIS A 85 38.28 -7.20 15.30
N ILE A 86 36.95 -7.14 15.21
CA ILE A 86 36.19 -6.11 14.48
C ILE A 86 36.39 -4.68 15.02
N TRP A 87 36.74 -4.52 16.30
CA TRP A 87 36.94 -3.22 16.94
C TRP A 87 38.39 -2.84 17.18
N ASN A 88 39.34 -3.77 16.87
CA ASN A 88 40.78 -3.60 17.07
C ASN A 88 41.38 -2.40 16.34
N ALA A 89 40.96 -2.15 15.09
CA ALA A 89 41.43 -1.05 14.24
C ALA A 89 41.11 0.33 14.82
N ASN A 90 39.87 0.52 15.34
CA ASN A 90 39.44 1.80 15.92
C ASN A 90 39.97 2.02 17.34
N GLY A 91 40.57 0.98 17.91
CA GLY A 91 41.20 1.04 19.22
C GLY A 91 42.70 1.16 19.13
N SER A 92 43.26 1.10 17.89
CA SER A 92 44.71 1.17 17.65
C SER A 92 45.31 2.52 18.01
N ARG A 93 46.61 2.52 18.36
CA ARG A 93 47.40 3.69 18.73
C ARG A 93 47.26 4.80 17.68
N GLU A 94 47.47 4.43 16.40
CA GLU A 94 47.39 5.31 15.21
C GLU A 94 46.01 5.95 15.06
N PHE A 95 44.94 5.16 15.28
CA PHE A 95 43.58 5.67 15.16
C PHE A 95 43.19 6.59 16.31
N LEU A 96 43.52 6.21 17.56
CA LEU A 96 43.23 7.02 18.75
C LEU A 96 43.96 8.36 18.66
N ASP A 97 45.24 8.36 18.19
CA ASP A 97 46.04 9.57 17.96
C ASP A 97 45.36 10.48 16.91
N SER A 98 44.83 9.89 15.81
CA SER A 98 44.13 10.58 14.72
C SER A 98 42.89 11.33 15.19
N ARG A 99 42.28 10.85 16.30
CA ARG A 99 41.10 11.46 16.92
C ARG A 99 41.48 12.46 18.03
N GLY A 100 42.78 12.64 18.26
CA GLY A 100 43.30 13.54 19.28
C GLY A 100 43.37 12.94 20.67
N LEU A 101 43.16 11.62 20.76
CA LEU A 101 43.19 10.88 22.02
C LEU A 101 44.57 10.21 22.20
N TYR A 102 45.61 11.04 22.37
CA TYR A 102 47.01 10.63 22.53
C TYR A 102 47.30 9.96 23.89
N ASP A 103 46.59 10.41 24.95
CA ASP A 103 46.74 9.92 26.32
C ASP A 103 46.01 8.61 26.54
N ARG A 104 45.03 8.34 25.68
CA ARG A 104 44.17 7.15 25.71
C ARG A 104 44.93 5.85 25.43
N ALA A 105 44.81 4.84 26.33
CA ALA A 105 45.45 3.52 26.16
C ALA A 105 44.89 2.77 24.95
N GLU A 106 45.72 1.90 24.33
CA GLU A 106 45.35 1.10 23.15
C GLU A 106 44.17 0.16 23.48
N GLY A 107 43.17 0.16 22.63
CA GLY A 107 41.95 -0.64 22.78
C GLY A 107 40.83 0.06 23.52
N ASP A 108 41.13 1.18 24.19
CA ASP A 108 40.17 1.96 24.95
C ASP A 108 39.41 2.89 24.00
N LEU A 109 38.21 2.46 23.61
CA LEU A 109 37.38 3.15 22.63
C LEU A 109 36.64 4.39 23.16
N GLY A 110 36.69 4.60 24.47
CA GLY A 110 35.98 5.70 25.11
C GLY A 110 34.55 5.34 25.46
N PRO A 111 33.70 6.33 25.81
CA PRO A 111 32.33 6.01 26.21
C PRO A 111 31.35 5.68 25.05
N VAL A 112 31.71 4.67 24.25
CA VAL A 112 30.93 4.20 23.10
C VAL A 112 29.74 3.33 23.56
N TYR A 113 28.80 3.10 22.65
CA TYR A 113 27.54 2.33 22.72
C TYR A 113 27.13 1.85 24.13
N GLY A 114 27.53 0.65 24.50
CA GLY A 114 27.21 0.00 25.78
C GLY A 114 27.40 0.84 27.04
N PHE A 115 28.47 1.66 27.07
CA PHE A 115 28.72 2.57 28.20
C PHE A 115 27.56 3.55 28.31
N GLN A 116 27.03 4.04 27.16
CA GLN A 116 25.89 4.96 27.16
C GLN A 116 24.60 4.24 27.58
N TRP A 117 24.44 2.97 27.16
CA TRP A 117 23.24 2.16 27.48
C TRP A 117 23.09 1.94 28.97
N ARG A 118 24.23 1.65 29.66
CA ARG A 118 24.27 1.31 31.07
C ARG A 118 24.69 2.45 32.01
N HIS A 119 25.43 3.47 31.51
CA HIS A 119 25.97 4.58 32.30
C HIS A 119 25.90 5.93 31.63
N PHE A 120 24.75 6.25 30.98
CA PHE A 120 24.61 7.56 30.34
C PHE A 120 24.83 8.66 31.37
N GLY A 121 25.71 9.59 31.01
CA GLY A 121 26.00 10.74 31.86
C GLY A 121 27.12 10.59 32.87
N ALA A 122 27.62 9.34 33.07
CA ALA A 122 28.73 9.06 33.98
C ALA A 122 30.01 9.63 33.40
N GLU A 123 30.92 10.07 34.29
CA GLU A 123 32.22 10.60 33.92
C GLU A 123 33.09 9.43 33.51
N TYR A 124 33.59 9.46 32.28
CA TYR A 124 34.47 8.41 31.77
C TYR A 124 35.90 8.61 32.23
N ASP A 125 36.56 7.51 32.62
CA ASP A 125 37.96 7.52 33.01
C ASP A 125 38.68 6.62 32.00
N THR A 126 38.65 5.29 32.21
CA THR A 126 39.18 4.29 31.29
C THR A 126 38.16 3.16 31.11
N CYS A 127 38.44 2.24 30.18
CA CYS A 127 37.60 1.08 29.92
C CYS A 127 37.59 0.09 31.11
N SER A 128 38.70 0.06 31.87
CA SER A 128 38.94 -0.80 33.03
C SER A 128 38.30 -0.27 34.33
N SER A 129 37.86 1.00 34.35
CA SER A 129 37.26 1.62 35.53
C SER A 129 35.96 0.96 36.02
N ASP A 130 35.67 1.13 37.33
CA ASP A 130 34.46 0.60 37.96
C ASP A 130 33.36 1.62 37.81
N TYR A 131 32.33 1.26 37.02
CA TYR A 131 31.18 2.12 36.72
C TYR A 131 29.88 1.65 37.39
N THR A 132 29.98 0.69 38.33
CA THR A 132 28.84 0.15 39.07
C THR A 132 28.09 1.29 39.77
N GLY A 133 26.82 1.46 39.41
CA GLY A 133 25.96 2.51 39.95
C GLY A 133 26.24 3.91 39.45
N LYS A 134 27.03 4.04 38.34
CA LYS A 134 27.37 5.33 37.76
C LYS A 134 26.52 5.58 36.51
N GLY A 135 26.06 6.82 36.37
CA GLY A 135 25.22 7.24 35.24
C GLY A 135 23.84 6.60 35.26
N ILE A 136 23.09 6.80 34.15
CA ILE A 136 21.73 6.30 33.96
C ILE A 136 21.74 4.97 33.25
N ASP A 137 21.22 3.95 33.92
CA ASP A 137 21.12 2.62 33.34
C ASP A 137 19.83 2.55 32.54
N GLN A 138 19.90 2.95 31.27
CA GLN A 138 18.75 3.01 30.36
C GLN A 138 18.18 1.64 30.11
N LEU A 139 19.04 0.64 29.87
CA LEU A 139 18.65 -0.74 29.59
C LEU A 139 17.88 -1.34 30.80
N ALA A 140 18.44 -1.24 32.03
CA ALA A 140 17.78 -1.75 33.24
C ALA A 140 16.43 -1.05 33.47
N ASN A 141 16.36 0.26 33.20
CA ASN A 141 15.14 1.06 33.33
C ASN A 141 14.06 0.61 32.32
N ILE A 142 14.46 0.32 31.06
CA ILE A 142 13.54 -0.20 30.03
C ILE A 142 12.99 -1.55 30.47
N LEU A 143 13.84 -2.45 30.98
CA LEU A 143 13.43 -3.78 31.43
C LEU A 143 12.41 -3.74 32.57
N LYS A 144 12.60 -2.84 33.55
CA LYS A 144 11.70 -2.61 34.67
C LYS A 144 10.36 -2.05 34.14
N THR A 145 10.40 -1.13 33.15
CA THR A 145 9.22 -0.52 32.52
C THR A 145 8.43 -1.57 31.71
N LEU A 146 9.12 -2.48 31.01
CA LEU A 146 8.49 -3.55 30.25
C LEU A 146 7.68 -4.49 31.16
N ARG A 147 8.16 -4.67 32.40
CA ARG A 147 7.53 -5.51 33.40
C ARG A 147 6.37 -4.81 34.12
N GLU A 148 6.53 -3.51 34.44
CA GLU A 148 5.59 -2.72 35.23
C GLU A 148 4.59 -1.85 34.48
N ASN A 149 4.99 -1.28 33.35
CA ASN A 149 4.13 -0.40 32.55
C ASN A 149 4.47 -0.58 31.05
N PRO A 150 4.14 -1.77 30.46
CA PRO A 150 4.51 -2.01 29.06
C PRO A 150 3.94 -1.05 28.01
N ASP A 151 2.87 -0.28 28.34
CA ASP A 151 2.26 0.68 27.41
C ASP A 151 3.02 1.99 27.33
N ASP A 152 4.06 2.17 28.17
CA ASP A 152 4.87 3.38 28.22
C ASP A 152 5.43 3.74 26.84
N ARG A 153 5.27 5.02 26.43
CA ARG A 153 5.72 5.52 25.13
C ARG A 153 7.10 6.25 25.18
N ARG A 154 7.86 6.03 26.29
CA ARG A 154 9.17 6.66 26.55
C ARG A 154 10.29 5.61 26.77
N MET A 155 10.13 4.36 26.29
CA MET A 155 11.18 3.35 26.48
C MET A 155 12.25 3.51 25.41
N ILE A 156 13.10 4.54 25.63
CA ILE A 156 14.20 4.95 24.79
C ILE A 156 15.53 4.56 25.41
N MET A 157 16.45 4.09 24.55
CA MET A 157 17.83 3.79 24.88
C MET A 157 18.66 4.50 23.81
N THR A 158 19.45 5.47 24.23
CA THR A 158 20.29 6.23 23.30
C THR A 158 21.78 6.13 23.63
N ALA A 159 22.59 6.11 22.56
CA ALA A 159 24.05 6.19 22.64
C ALA A 159 24.45 7.60 22.18
N TRP A 160 23.49 8.39 21.63
CA TRP A 160 23.77 9.74 21.17
C TRP A 160 23.83 10.74 22.32
N ASN A 161 25.05 10.87 22.87
CA ASN A 161 25.36 11.81 23.94
C ASN A 161 26.27 12.90 23.36
N PRO A 162 25.71 14.08 22.95
CA PRO A 162 26.57 15.19 22.44
C PRO A 162 27.79 15.58 23.27
N MET A 163 27.74 15.43 24.59
CA MET A 163 28.84 15.78 25.48
C MET A 163 30.00 14.80 25.49
N ASP A 164 29.75 13.54 25.11
CA ASP A 164 30.76 12.48 25.11
C ASP A 164 31.36 12.18 23.75
N LEU A 165 30.75 12.67 22.67
CA LEU A 165 31.17 12.39 21.28
C LEU A 165 32.68 12.53 21.04
N HIS A 166 33.29 13.61 21.56
CA HIS A 166 34.73 13.89 21.41
C HIS A 166 35.63 12.87 22.10
N LEU A 167 35.09 12.16 23.12
CA LEU A 167 35.79 11.14 23.90
C LEU A 167 35.73 9.75 23.23
N MET A 168 34.81 9.56 22.29
CA MET A 168 34.60 8.30 21.58
C MET A 168 35.55 8.15 20.40
N ALA A 169 35.96 6.90 20.09
CA ALA A 169 36.81 6.55 18.95
C ALA A 169 36.05 6.93 17.65
N LEU A 170 34.74 6.68 17.66
CA LEU A 170 33.81 6.99 16.56
C LEU A 170 32.49 7.43 17.15
N PRO A 171 31.75 8.37 16.51
CA PRO A 171 30.42 8.72 17.04
C PRO A 171 29.44 7.57 16.80
N PRO A 172 28.40 7.38 17.67
CA PRO A 172 27.47 6.25 17.46
C PRO A 172 26.74 6.29 16.12
N CYS A 173 26.58 5.11 15.51
CA CYS A 173 25.88 4.88 14.25
C CYS A 173 24.47 4.45 14.53
N HIS A 174 24.32 3.27 15.19
CA HIS A 174 23.06 2.72 15.66
C HIS A 174 22.91 3.49 16.96
N MET A 175 22.19 4.60 16.90
CA MET A 175 22.22 5.58 17.98
C MET A 175 21.06 5.59 18.94
N THR A 176 19.84 5.30 18.50
CA THR A 176 18.70 5.36 19.40
C THR A 176 17.72 4.26 19.10
N ALA A 177 17.30 3.56 20.14
CA ALA A 177 16.33 2.49 20.02
C ALA A 177 15.12 2.79 20.90
N GLN A 178 13.94 2.44 20.40
CA GLN A 178 12.68 2.54 21.15
C GLN A 178 12.06 1.16 21.22
N PHE A 179 11.48 0.83 22.39
CA PHE A 179 10.79 -0.41 22.68
C PHE A 179 9.30 -0.16 22.79
N TYR A 180 8.51 -1.16 22.43
CA TYR A 180 7.05 -1.04 22.34
C TYR A 180 6.43 -2.40 22.63
N VAL A 181 5.28 -2.38 23.30
CA VAL A 181 4.55 -3.60 23.62
C VAL A 181 3.11 -3.51 23.13
N ALA A 182 2.63 -4.54 22.45
CA ALA A 182 1.24 -4.66 22.03
C ALA A 182 0.91 -6.15 21.94
N ASN A 183 -0.21 -6.57 22.58
CA ASN A 183 -0.68 -7.97 22.65
C ASN A 183 0.40 -8.93 23.16
N GLY A 184 1.06 -8.56 24.26
CA GLY A 184 2.14 -9.34 24.87
C GLY A 184 3.37 -9.55 24.00
N GLU A 185 3.58 -8.69 22.98
CA GLU A 185 4.73 -8.79 22.07
C GLU A 185 5.60 -7.57 22.17
N LEU A 186 6.92 -7.79 22.24
CA LEU A 186 7.91 -6.72 22.33
C LEU A 186 8.47 -6.39 20.93
N SER A 187 8.40 -5.11 20.55
CA SER A 187 8.97 -4.63 19.30
C SER A 187 10.06 -3.63 19.62
N CYS A 188 11.00 -3.46 18.67
CA CYS A 188 12.13 -2.56 18.78
C CYS A 188 12.26 -1.82 17.49
N GLN A 189 12.42 -0.49 17.58
CA GLN A 189 12.72 0.33 16.44
C GLN A 189 14.05 0.99 16.69
N LEU A 190 15.00 0.79 15.78
CA LEU A 190 16.30 1.41 15.85
C LEU A 190 16.39 2.54 14.84
N TYR A 191 16.84 3.70 15.32
CA TYR A 191 17.16 4.83 14.46
C TYR A 191 18.69 4.76 14.27
N GLN A 192 19.10 4.52 13.03
CA GLN A 192 20.50 4.45 12.67
C GLN A 192 20.81 5.60 11.69
N ARG A 193 21.67 6.55 12.08
CA ARG A 193 21.96 7.75 11.27
C ARG A 193 22.68 7.50 9.95
N SER A 194 23.42 6.38 9.90
CA SER A 194 24.26 6.04 8.78
C SER A 194 24.36 4.53 8.68
N GLY A 195 24.17 4.01 7.48
CA GLY A 195 24.28 2.58 7.28
C GLY A 195 24.94 2.16 5.99
N ASP A 196 26.04 1.39 6.07
CA ASP A 196 26.73 0.81 4.91
C ASP A 196 25.97 -0.44 4.68
N VAL A 197 25.06 -0.39 3.73
CA VAL A 197 24.12 -1.45 3.39
C VAL A 197 24.85 -2.76 3.02
N GLY A 198 26.04 -2.63 2.42
CA GLY A 198 26.84 -3.78 2.03
C GLY A 198 27.58 -4.49 3.15
N LEU A 199 27.91 -3.77 4.25
CA LEU A 199 28.73 -4.35 5.32
C LEU A 199 28.13 -4.28 6.76
N GLY A 200 27.94 -3.07 7.29
CA GLY A 200 27.47 -2.90 8.66
C GLY A 200 26.02 -3.24 8.91
N VAL A 201 25.11 -2.86 7.99
CA VAL A 201 23.66 -2.98 8.12
C VAL A 201 23.21 -4.44 8.37
N PRO A 202 23.64 -5.46 7.59
CA PRO A 202 23.25 -6.84 7.92
C PRO A 202 23.59 -7.26 9.37
N PHE A 203 24.73 -6.78 9.88
CA PHE A 203 25.22 -7.05 11.22
C PHE A 203 24.35 -6.34 12.29
N ASN A 204 23.94 -5.06 12.01
CA ASN A 204 23.07 -4.26 12.88
C ASN A 204 21.69 -4.92 12.98
N ILE A 205 21.17 -5.43 11.85
CA ILE A 205 19.88 -6.13 11.80
C ILE A 205 19.88 -7.35 12.75
N ALA A 206 20.89 -8.24 12.65
CA ALA A 206 21.03 -9.44 13.49
C ALA A 206 21.24 -9.06 14.95
N SER A 207 22.04 -8.02 15.20
CA SER A 207 22.36 -7.50 16.52
C SER A 207 21.15 -7.04 17.34
N TYR A 208 20.34 -6.10 16.80
CA TYR A 208 19.17 -5.56 17.49
C TYR A 208 18.01 -6.53 17.54
N SER A 209 17.89 -7.44 16.55
CA SER A 209 16.89 -8.52 16.55
C SER A 209 17.26 -9.49 17.70
N LEU A 210 18.58 -9.79 17.87
CA LEU A 210 19.02 -10.62 18.98
C LEU A 210 18.68 -9.98 20.32
N LEU A 211 19.03 -8.68 20.50
CA LEU A 211 18.73 -7.88 21.68
C LEU A 211 17.24 -7.94 22.04
N THR A 212 16.34 -7.86 21.06
CA THR A 212 14.87 -7.88 21.26
C THR A 212 14.44 -9.23 21.79
N HIS A 213 14.87 -10.31 21.12
CA HIS A 213 14.65 -11.70 21.55
C HIS A 213 15.15 -11.88 23.00
N LEU A 214 16.38 -11.42 23.30
CA LEU A 214 16.96 -11.51 24.66
C LEU A 214 16.18 -10.70 25.70
N MET A 215 15.82 -9.45 25.39
CA MET A 215 15.01 -8.60 26.28
C MET A 215 13.62 -9.20 26.55
N ALA A 216 12.93 -9.75 25.53
CA ALA A 216 11.61 -10.39 25.66
C ALA A 216 11.64 -11.52 26.66
N SER A 217 12.65 -12.41 26.52
CA SER A 217 12.87 -13.56 27.40
C SER A 217 13.08 -13.15 28.88
N MET A 218 13.73 -12.00 29.09
CA MET A 218 13.99 -11.39 30.41
C MET A 218 12.72 -10.91 31.12
N VAL A 219 11.68 -10.52 30.37
CA VAL A 219 10.48 -9.88 30.89
C VAL A 219 9.13 -10.63 30.66
N GLY A 220 9.20 -11.87 30.17
CA GLY A 220 8.01 -12.68 29.93
C GLY A 220 7.12 -12.19 28.79
N LEU A 221 7.74 -11.62 27.76
CA LEU A 221 7.04 -11.16 26.57
C LEU A 221 7.50 -11.99 25.39
N LYS A 222 6.74 -11.96 24.30
CA LYS A 222 7.07 -12.66 23.06
C LYS A 222 7.70 -11.66 22.10
N PRO A 223 8.73 -12.01 21.31
CA PRO A 223 9.27 -11.02 20.36
C PRO A 223 8.23 -10.72 19.27
N GLY A 224 8.14 -9.45 18.88
CA GLY A 224 7.19 -8.98 17.88
C GLY A 224 7.92 -8.69 16.59
N GLU A 225 8.41 -7.45 16.44
CA GLU A 225 9.13 -6.99 15.26
C GLU A 225 10.34 -6.15 15.58
N PHE A 226 11.30 -6.14 14.66
CA PHE A 226 12.47 -5.27 14.74
C PHE A 226 12.38 -4.41 13.51
N ILE A 227 12.37 -3.08 13.73
CA ILE A 227 12.29 -2.07 12.71
C ILE A 227 13.59 -1.35 12.67
N LEU A 228 14.22 -1.31 11.51
CA LEU A 228 15.43 -0.53 11.30
C LEU A 228 15.07 0.68 10.43
N THR A 229 15.25 1.88 10.98
CA THR A 229 15.04 3.14 10.26
C THR A 229 16.42 3.75 10.03
N LEU A 230 16.78 3.91 8.76
CA LEU A 230 18.06 4.50 8.42
C LEU A 230 18.00 5.98 8.08
N GLY A 231 19.10 6.68 8.33
CA GLY A 231 19.31 8.05 7.92
C GLY A 231 19.96 7.96 6.55
N ASP A 232 21.28 8.16 6.49
CA ASP A 232 22.00 7.99 5.22
C ASP A 232 22.30 6.48 4.98
N ALA A 233 21.50 5.83 4.12
CA ALA A 233 21.62 4.43 3.72
C ALA A 233 22.43 4.44 2.42
N HIS A 234 23.60 3.84 2.44
CA HIS A 234 24.49 3.91 1.28
C HIS A 234 25.22 2.62 0.91
N ILE A 235 25.78 2.64 -0.30
CA ILE A 235 26.61 1.56 -0.83
C ILE A 235 27.93 2.21 -1.27
N TYR A 236 29.08 1.68 -0.79
CA TYR A 236 30.39 2.19 -1.20
C TYR A 236 30.64 1.76 -2.63
N ASN A 237 31.20 2.65 -3.45
CA ASN A 237 31.48 2.39 -4.86
C ASN A 237 32.30 1.13 -5.10
N THR A 238 33.14 0.75 -4.12
CA THR A 238 33.99 -0.45 -4.14
C THR A 238 33.17 -1.76 -3.96
N HIS A 239 31.94 -1.66 -3.41
CA HIS A 239 31.08 -2.81 -3.15
C HIS A 239 30.02 -3.07 -4.24
N ILE A 240 29.85 -2.16 -5.22
CA ILE A 240 28.76 -2.27 -6.21
C ILE A 240 28.70 -3.64 -6.90
N GLU A 241 29.85 -4.10 -7.47
CA GLU A 241 29.91 -5.36 -8.20
C GLU A 241 29.64 -6.60 -7.32
N VAL A 242 30.21 -6.65 -6.08
CA VAL A 242 29.99 -7.77 -5.15
C VAL A 242 28.49 -7.82 -4.73
N LEU A 243 27.86 -6.66 -4.51
CA LEU A 243 26.45 -6.56 -4.15
C LEU A 243 25.52 -7.00 -5.30
N LYS A 244 25.88 -6.65 -6.55
CA LYS A 244 25.16 -7.07 -7.76
C LYS A 244 25.16 -8.60 -7.87
N LYS A 245 26.26 -9.27 -7.46
CA LYS A 245 26.41 -10.73 -7.42
C LYS A 245 25.54 -11.35 -6.31
N GLN A 246 25.46 -10.67 -5.13
CA GLN A 246 24.63 -11.11 -4.00
C GLN A 246 23.15 -11.04 -4.36
N LEU A 247 22.76 -10.11 -5.26
CA LEU A 247 21.37 -9.93 -5.72
C LEU A 247 20.86 -11.10 -6.55
N CYS A 248 21.78 -11.92 -7.09
CA CYS A 248 21.44 -13.13 -7.87
C CYS A 248 21.14 -14.32 -6.97
N ARG A 249 21.48 -14.21 -5.67
CA ARG A 249 21.25 -15.26 -4.69
C ARG A 249 19.80 -15.25 -4.24
N VAL A 250 19.14 -16.40 -4.29
CA VAL A 250 17.77 -16.57 -3.85
C VAL A 250 17.80 -16.76 -2.30
N PRO A 251 17.12 -15.91 -1.51
CA PRO A 251 17.14 -16.12 -0.04
C PRO A 251 16.56 -17.47 0.37
N ARG A 252 17.11 -18.04 1.44
CA ARG A 252 16.62 -19.27 2.05
C ARG A 252 15.81 -18.78 3.26
N PRO A 253 14.89 -19.55 3.88
CA PRO A 253 14.19 -19.03 5.09
C PRO A 253 15.16 -18.63 6.20
N PHE A 254 14.80 -17.61 6.98
CA PHE A 254 15.62 -17.11 8.07
C PHE A 254 15.80 -18.18 9.15
N PRO A 255 16.92 -18.16 9.91
CA PRO A 255 17.06 -19.13 11.01
C PRO A 255 16.11 -18.81 12.19
N LYS A 256 16.10 -19.68 13.20
CA LYS A 256 15.28 -19.48 14.40
C LYS A 256 16.23 -19.37 15.56
N LEU A 257 15.93 -18.49 16.52
CA LEU A 257 16.74 -18.36 17.73
C LEU A 257 16.15 -19.23 18.81
N ARG A 258 17.00 -20.09 19.42
CA ARG A 258 16.56 -20.94 20.53
C ARG A 258 17.24 -20.46 21.80
N ILE A 259 16.46 -19.97 22.77
CA ILE A 259 16.95 -19.50 24.06
C ILE A 259 16.75 -20.61 25.06
N LEU A 260 17.85 -21.12 25.64
CA LEU A 260 17.82 -22.23 26.59
C LEU A 260 17.45 -21.76 28.00
N MET A 261 17.85 -20.55 28.35
CA MET A 261 17.62 -19.94 29.66
C MET A 261 17.86 -18.45 29.57
N ALA A 262 17.32 -17.70 30.55
CA ALA A 262 17.52 -16.28 30.69
C ALA A 262 18.05 -16.07 32.10
N PRO A 263 19.20 -15.39 32.30
CA PRO A 263 19.69 -15.20 33.68
C PRO A 263 18.91 -14.08 34.39
N GLU A 264 19.15 -13.89 35.69
CA GLU A 264 18.49 -12.85 36.49
C GLU A 264 18.79 -11.43 35.93
N LYS A 265 20.02 -11.19 35.49
CA LYS A 265 20.48 -9.90 34.92
C LYS A 265 20.91 -10.12 33.47
N ILE A 266 20.48 -9.23 32.56
CA ILE A 266 20.74 -9.31 31.11
C ILE A 266 22.25 -9.34 30.77
N GLU A 267 23.10 -8.67 31.56
CA GLU A 267 24.56 -8.64 31.34
C GLU A 267 25.24 -9.99 31.62
N ASP A 268 24.50 -10.96 32.22
CA ASP A 268 24.98 -12.31 32.54
C ASP A 268 24.63 -13.33 31.45
N PHE A 269 24.11 -12.88 30.31
CA PHE A 269 23.83 -13.76 29.18
C PHE A 269 25.17 -14.11 28.54
N THR A 270 25.34 -15.39 28.20
CA THR A 270 26.52 -15.90 27.50
C THR A 270 26.02 -16.54 26.20
N ILE A 271 26.92 -16.64 25.20
CA ILE A 271 26.68 -17.27 23.89
C ILE A 271 26.11 -18.70 24.05
N ASP A 272 26.45 -19.40 25.15
CA ASP A 272 26.00 -20.76 25.43
C ASP A 272 24.51 -20.91 25.79
N MET A 273 23.86 -19.79 26.15
CA MET A 273 22.46 -19.75 26.58
C MET A 273 21.43 -19.70 25.45
N PHE A 274 21.90 -19.54 24.22
CA PHE A 274 21.05 -19.46 23.04
C PHE A 274 21.86 -19.85 21.81
N TYR A 275 21.18 -20.18 20.69
CA TYR A 275 21.84 -20.59 19.46
C TYR A 275 20.94 -20.41 18.24
N LEU A 276 21.54 -20.38 17.05
CA LEU A 276 20.86 -20.27 15.75
C LEU A 276 20.47 -21.68 15.27
N GLU A 277 19.20 -21.89 14.97
CA GLU A 277 18.70 -23.17 14.46
C GLU A 277 18.36 -23.01 12.98
N GLY A 278 18.92 -23.90 12.16
CA GLY A 278 18.66 -23.94 10.72
C GLY A 278 19.18 -22.78 9.91
N TYR A 279 20.36 -22.24 10.29
CA TYR A 279 21.00 -21.15 9.55
C TYR A 279 21.74 -21.72 8.34
N GLN A 280 21.20 -21.45 7.13
CA GLN A 280 21.75 -21.94 5.86
C GLN A 280 22.17 -20.80 4.94
N PRO A 281 23.29 -20.09 5.19
CA PRO A 281 23.67 -19.02 4.26
C PRO A 281 24.31 -19.53 2.97
N HIS A 282 24.35 -18.67 1.93
CA HIS A 282 25.02 -18.96 0.66
C HIS A 282 26.53 -18.86 0.92
N SER A 283 27.32 -19.86 0.45
CA SER A 283 28.78 -19.89 0.66
C SER A 283 29.60 -19.18 -0.43
N GLU B 5 2.20 10.82 -2.59
CA GLU B 5 0.75 11.12 -2.48
C GLU B 5 0.41 12.31 -1.52
N GLY B 6 1.43 12.97 -0.96
CA GLY B 6 1.33 14.14 -0.10
C GLY B 6 0.46 13.97 1.14
N GLU B 7 -0.70 14.66 1.16
CA GLU B 7 -1.66 14.62 2.26
C GLU B 7 -2.24 13.24 2.44
N HIS B 8 -2.44 12.49 1.33
CA HIS B 8 -2.96 11.13 1.37
C HIS B 8 -2.12 10.19 2.21
N GLN B 9 -0.83 10.47 2.41
CA GLN B 9 0.02 9.70 3.33
C GLN B 9 -0.47 9.84 4.74
N TYR B 10 -0.81 11.09 5.18
CA TYR B 10 -1.37 11.35 6.50
C TYR B 10 -2.72 10.63 6.65
N LEU B 11 -3.63 10.78 5.67
CA LEU B 11 -4.98 10.22 5.65
C LEU B 11 -4.97 8.70 5.62
N ASN B 12 -4.03 8.11 4.87
CA ASN B 12 -3.81 6.64 4.86
C ASN B 12 -3.29 6.14 6.19
N LEU B 13 -2.46 6.93 6.89
CA LEU B 13 -1.99 6.57 8.23
C LEU B 13 -3.20 6.57 9.21
N VAL B 14 -4.09 7.60 9.15
CA VAL B 14 -5.32 7.65 9.98
C VAL B 14 -6.16 6.39 9.73
N ARG B 15 -6.44 6.08 8.45
CA ARG B 15 -7.16 4.89 7.97
C ARG B 15 -6.54 3.58 8.51
N GLU B 16 -5.21 3.45 8.37
CA GLU B 16 -4.47 2.27 8.82
C GLU B 16 -4.61 2.06 10.33
N ILE B 17 -4.52 3.14 11.12
CA ILE B 17 -4.66 3.03 12.59
C ILE B 17 -6.10 2.63 12.95
N LEU B 18 -7.10 3.23 12.29
CA LEU B 18 -8.51 2.89 12.53
C LEU B 18 -8.84 1.45 12.23
N GLU B 19 -8.29 0.93 11.14
CA GLU B 19 -8.52 -0.43 10.64
C GLU B 19 -7.63 -1.51 11.27
N ARG B 20 -6.34 -1.23 11.53
CA ARG B 20 -5.39 -2.24 12.04
C ARG B 20 -4.75 -1.94 13.40
N GLY B 21 -4.97 -0.74 13.95
CA GLY B 21 -4.40 -0.37 15.24
C GLY B 21 -4.84 -1.28 16.36
N VAL B 22 -3.95 -1.52 17.34
CA VAL B 22 -4.26 -2.36 18.49
C VAL B 22 -4.83 -1.48 19.60
N LYS B 23 -5.75 -2.03 20.41
CA LYS B 23 -6.29 -1.32 21.57
C LYS B 23 -5.16 -1.26 22.62
N LYS B 24 -4.72 -0.05 22.95
CA LYS B 24 -3.64 0.21 23.88
C LYS B 24 -4.06 1.36 24.80
N ASP B 25 -3.75 1.27 26.08
CA ASP B 25 -4.06 2.36 26.99
C ASP B 25 -2.86 3.32 27.13
N ASP B 26 -3.13 4.58 27.48
CA ASP B 26 -2.12 5.62 27.67
C ASP B 26 -1.92 5.85 29.21
N ARG B 27 -1.05 6.83 29.61
CA ARG B 27 -0.71 7.19 31.01
C ARG B 27 -1.94 7.21 31.96
N THR B 28 -2.88 8.14 31.67
CA THR B 28 -4.14 8.35 32.42
C THR B 28 -5.01 7.10 32.43
N GLY B 29 -5.05 6.40 31.30
CA GLY B 29 -5.84 5.20 31.09
C GLY B 29 -6.70 5.32 29.84
N THR B 30 -6.81 6.57 29.29
CA THR B 30 -7.52 6.93 28.05
C THR B 30 -7.03 6.02 26.91
N GLY B 31 -7.97 5.32 26.28
CA GLY B 31 -7.69 4.36 25.23
C GLY B 31 -7.26 4.94 23.92
N THR B 32 -6.40 4.19 23.23
CA THR B 32 -5.90 4.52 21.89
C THR B 32 -5.95 3.29 21.00
N LEU B 33 -5.84 3.53 19.68
CA LEU B 33 -5.65 2.53 18.64
C LEU B 33 -4.23 2.86 18.25
N SER B 34 -3.36 1.86 18.19
CA SER B 34 -1.94 2.10 18.03
C SER B 34 -1.23 1.20 17.03
N ILE B 35 -0.24 1.76 16.31
CA ILE B 35 0.67 1.01 15.44
C ILE B 35 2.10 1.53 15.74
N PHE B 36 3.12 0.69 15.53
CA PHE B 36 4.49 1.08 15.80
C PHE B 36 5.31 1.19 14.52
N GLY B 37 6.11 2.24 14.46
CA GLY B 37 7.06 2.48 13.37
C GLY B 37 6.58 3.03 12.03
N PRO B 38 5.39 3.68 11.86
CA PRO B 38 5.06 4.19 10.52
C PRO B 38 5.87 5.42 10.15
N GLN B 39 6.06 5.59 8.87
CA GLN B 39 6.83 6.66 8.30
C GLN B 39 5.99 7.43 7.25
N MET B 40 6.17 8.75 7.17
CA MET B 40 5.54 9.60 6.17
C MET B 40 6.62 10.49 5.58
N ARG B 41 6.59 10.70 4.26
CA ARG B 41 7.56 11.49 3.50
C ARG B 41 6.83 12.58 2.74
N PHE B 42 7.25 13.82 2.93
CA PHE B 42 6.64 14.98 2.24
C PHE B 42 7.66 15.74 1.43
N SER B 43 7.34 15.99 0.16
CA SER B 43 8.18 16.79 -0.71
C SER B 43 8.08 18.26 -0.32
N LEU B 44 9.24 18.92 -0.20
CA LEU B 44 9.32 20.34 0.13
C LEU B 44 9.79 21.13 -1.13
N ARG B 45 9.77 20.43 -2.29
CA ARG B 45 10.16 20.96 -3.60
C ARG B 45 9.10 21.91 -4.13
N ASP B 46 9.54 22.87 -4.96
CA ASP B 46 8.70 23.91 -5.56
C ASP B 46 7.97 24.72 -4.49
N ASP B 47 8.67 24.98 -3.35
CA ASP B 47 8.23 25.79 -2.21
C ASP B 47 7.08 25.19 -1.40
N THR B 48 6.68 23.94 -1.69
CA THR B 48 5.62 23.23 -0.99
C THR B 48 5.93 23.04 0.48
N ILE B 49 4.92 23.25 1.34
CA ILE B 49 5.01 23.00 2.77
C ILE B 49 3.78 22.16 3.16
N PRO B 50 3.98 20.95 3.75
CA PRO B 50 2.82 20.09 4.08
C PRO B 50 1.97 20.55 5.28
N VAL B 51 1.18 21.60 5.06
CA VAL B 51 0.23 22.11 6.04
C VAL B 51 -1.11 21.51 5.58
N LEU B 52 -1.70 20.58 6.37
CA LEU B 52 -2.95 19.88 6.02
C LEU B 52 -4.05 20.79 5.53
N THR B 53 -4.79 20.36 4.49
CA THR B 53 -5.91 21.09 3.91
C THR B 53 -7.25 20.48 4.34
N THR B 54 -7.26 19.21 4.83
CA THR B 54 -8.51 18.54 5.26
C THR B 54 -8.98 19.00 6.66
N LYS B 55 -8.14 19.78 7.32
CA LYS B 55 -8.38 20.40 8.63
C LYS B 55 -7.56 21.69 8.65
N LYS B 56 -8.10 22.77 9.18
CA LYS B 56 -7.36 24.02 9.31
C LYS B 56 -6.31 23.89 10.43
N ILE B 57 -5.03 24.13 10.08
CA ILE B 57 -3.91 24.07 11.01
C ILE B 57 -3.71 25.45 11.59
N PHE B 58 -3.44 25.53 12.92
CA PHE B 58 -3.15 26.80 13.58
C PHE B 58 -1.69 27.21 13.20
N TRP B 59 -1.53 27.74 11.97
CA TRP B 59 -0.23 28.13 11.41
C TRP B 59 0.53 29.11 12.30
N ARG B 60 -0.15 30.15 12.82
CA ARG B 60 0.44 31.14 13.72
C ARG B 60 1.06 30.46 14.98
N GLY B 61 0.37 29.45 15.50
CA GLY B 61 0.83 28.64 16.64
C GLY B 61 2.05 27.83 16.28
N VAL B 62 2.05 27.20 15.10
CA VAL B 62 3.16 26.42 14.55
C VAL B 62 4.40 27.29 14.51
N VAL B 63 4.29 28.48 13.88
CA VAL B 63 5.36 29.45 13.70
C VAL B 63 5.92 29.96 15.02
N GLU B 64 5.06 30.51 15.90
CA GLU B 64 5.52 31.05 17.18
C GLU B 64 6.15 30.00 18.06
N GLU B 65 5.60 28.77 18.08
CA GLU B 65 6.23 27.68 18.89
C GLU B 65 7.62 27.32 18.36
N LEU B 66 7.78 27.25 17.01
CA LEU B 66 9.07 26.94 16.39
C LEU B 66 10.12 27.99 16.67
N LEU B 67 9.80 29.28 16.47
CA LEU B 67 10.72 30.39 16.70
C LEU B 67 11.18 30.40 18.16
N TRP B 68 10.25 30.14 19.08
CA TRP B 68 10.46 30.05 20.52
C TRP B 68 11.44 28.87 20.81
N PHE B 69 11.31 27.72 20.09
CA PHE B 69 12.25 26.57 20.14
C PHE B 69 13.63 27.01 19.61
N ILE B 70 13.67 27.62 18.40
CA ILE B 70 14.90 28.10 17.76
C ILE B 70 15.67 29.07 18.67
N ARG B 71 14.96 29.96 19.42
CA ARG B 71 15.58 30.90 20.35
C ARG B 71 16.14 30.20 21.61
N GLY B 72 15.69 28.96 21.85
CA GLY B 72 16.09 28.16 23.00
C GLY B 72 15.29 28.50 24.23
N ASN B 73 14.12 29.17 24.02
CA ASN B 73 13.22 29.62 25.07
C ASN B 73 12.36 28.50 25.58
N THR B 74 12.05 28.55 26.89
CA THR B 74 11.30 27.53 27.64
C THR B 74 10.23 28.14 28.55
N ASP B 75 9.96 29.43 28.41
CA ASP B 75 8.95 30.17 29.18
C ASP B 75 7.63 30.17 28.41
N ALA B 76 6.62 29.43 28.91
CA ALA B 76 5.27 29.40 28.31
C ALA B 76 4.58 30.77 28.37
N LYS B 77 4.96 31.63 29.34
CA LYS B 77 4.44 33.00 29.49
C LYS B 77 4.85 33.86 28.28
N GLU B 78 6.04 33.57 27.67
CA GLU B 78 6.51 34.30 26.50
C GLU B 78 5.65 33.98 25.28
N LEU B 79 5.11 32.75 25.22
CA LEU B 79 4.20 32.33 24.16
C LEU B 79 2.82 32.94 24.42
N ALA B 80 2.36 32.95 25.70
CA ALA B 80 1.05 33.47 26.16
C ALA B 80 0.89 34.96 25.83
N LYS B 81 2.03 35.70 25.82
CA LYS B 81 2.15 37.12 25.46
C LYS B 81 1.81 37.34 23.96
N LYS B 82 2.14 36.32 23.10
CA LYS B 82 1.87 36.29 21.66
C LYS B 82 0.52 35.65 21.35
N LYS B 83 -0.32 35.42 22.38
CA LYS B 83 -1.65 34.82 22.29
C LYS B 83 -1.62 33.38 21.75
N ILE B 84 -0.55 32.64 22.13
CA ILE B 84 -0.34 31.21 21.83
C ILE B 84 -0.38 30.60 23.21
N HIS B 85 -1.45 29.84 23.51
CA HIS B 85 -1.68 29.30 24.85
C HIS B 85 -1.56 27.77 24.94
N ILE B 86 -0.98 27.15 23.91
CA ILE B 86 -0.80 25.70 23.77
C ILE B 86 0.10 25.07 24.86
N TRP B 87 1.01 25.85 25.47
CA TRP B 87 1.94 25.37 26.50
C TRP B 87 1.61 25.80 27.93
N ASN B 88 0.58 26.65 28.10
CA ASN B 88 0.16 27.19 29.38
C ASN B 88 -0.22 26.13 30.43
N ALA B 89 -0.98 25.08 30.00
CA ALA B 89 -1.42 23.98 30.86
C ALA B 89 -0.26 23.21 31.51
N ASN B 90 0.79 22.89 30.75
CA ASN B 90 1.96 22.16 31.23
C ASN B 90 2.93 23.03 32.03
N GLY B 91 2.68 24.34 32.00
CA GLY B 91 3.44 25.31 32.77
C GLY B 91 2.71 25.77 34.01
N SER B 92 1.46 25.29 34.22
CA SER B 92 0.63 25.66 35.37
C SER B 92 1.19 25.14 36.69
N ARG B 93 0.89 25.85 37.79
CA ARG B 93 1.29 25.52 39.16
C ARG B 93 0.96 24.06 39.50
N GLU B 94 -0.30 23.66 39.25
CA GLU B 94 -0.87 22.32 39.48
C GLU B 94 -0.12 21.24 38.70
N PHE B 95 0.24 21.52 37.44
CA PHE B 95 0.96 20.55 36.62
C PHE B 95 2.42 20.41 37.03
N LEU B 96 3.10 21.55 37.29
CA LEU B 96 4.49 21.56 37.72
C LEU B 96 4.62 20.84 39.07
N ASP B 97 3.65 21.06 40.01
CA ASP B 97 3.55 20.40 41.31
C ASP B 97 3.44 18.87 41.12
N SER B 98 2.58 18.42 40.17
CA SER B 98 2.34 17.01 39.83
C SER B 98 3.61 16.29 39.35
N ARG B 99 4.56 17.06 38.77
CA ARG B 99 5.85 16.55 38.29
C ARG B 99 6.95 16.66 39.38
N GLY B 100 6.59 17.23 40.53
CA GLY B 100 7.50 17.42 41.66
C GLY B 100 8.35 18.68 41.58
N LEU B 101 8.01 19.60 40.66
CA LEU B 101 8.74 20.86 40.43
C LEU B 101 8.07 22.03 41.21
N TYR B 102 7.97 21.88 42.55
CA TYR B 102 7.34 22.84 43.46
C TYR B 102 8.05 24.19 43.52
N ASP B 103 9.39 24.18 43.35
CA ASP B 103 10.24 25.39 43.40
C ASP B 103 10.18 26.19 42.10
N ARG B 104 9.89 25.50 40.99
CA ARG B 104 9.81 26.03 39.62
C ARG B 104 8.67 27.04 39.47
N ALA B 105 8.98 28.27 38.98
CA ALA B 105 8.01 29.35 38.75
C ALA B 105 6.97 28.96 37.67
N GLU B 106 5.78 29.61 37.71
CA GLU B 106 4.71 29.35 36.75
C GLU B 106 5.10 29.67 35.31
N GLY B 107 4.87 28.72 34.42
CA GLY B 107 5.22 28.87 33.00
C GLY B 107 6.61 28.38 32.65
N ASP B 108 7.45 28.10 33.67
CA ASP B 108 8.81 27.62 33.48
C ASP B 108 8.78 26.11 33.24
N LEU B 109 8.86 25.72 31.96
CA LEU B 109 8.75 24.33 31.51
C LEU B 109 9.99 23.48 31.74
N GLY B 110 11.10 24.10 32.11
CA GLY B 110 12.35 23.40 32.31
C GLY B 110 13.16 23.32 31.04
N PRO B 111 14.22 22.47 31.00
CA PRO B 111 15.06 22.41 29.78
C PRO B 111 14.46 21.60 28.61
N VAL B 112 13.26 22.01 28.17
CA VAL B 112 12.53 21.36 27.08
C VAL B 112 13.10 21.77 25.71
N TYR B 113 12.73 21.01 24.67
CA TYR B 113 13.07 21.14 23.23
C TYR B 113 14.18 22.13 22.88
N GLY B 114 13.81 23.38 22.58
CA GLY B 114 14.72 24.45 22.19
C GLY B 114 15.95 24.66 23.04
N PHE B 115 15.80 24.52 24.37
CA PHE B 115 16.94 24.61 25.27
C PHE B 115 17.96 23.51 24.92
N GLN B 116 17.50 22.31 24.60
CA GLN B 116 18.39 21.21 24.22
C GLN B 116 19.03 21.45 22.86
N TRP B 117 18.28 22.07 21.92
CA TRP B 117 18.76 22.36 20.57
C TRP B 117 19.93 23.32 20.58
N ARG B 118 19.83 24.36 21.42
CA ARG B 118 20.79 25.46 21.51
C ARG B 118 21.79 25.35 22.65
N HIS B 119 21.41 24.66 23.74
CA HIS B 119 22.24 24.57 24.95
C HIS B 119 22.35 23.17 25.54
N PHE B 120 22.46 22.12 24.69
CA PHE B 120 22.56 20.75 25.22
C PHE B 120 23.67 20.62 26.28
N GLY B 121 23.32 20.08 27.45
CA GLY B 121 24.29 19.85 28.52
C GLY B 121 24.51 20.99 29.49
N ALA B 122 23.96 22.20 29.20
CA ALA B 122 24.07 23.35 30.09
C ALA B 122 23.24 23.13 31.35
N GLU B 123 23.69 23.71 32.47
CA GLU B 123 22.97 23.61 33.74
C GLU B 123 21.78 24.57 33.70
N TYR B 124 20.59 24.03 33.92
CA TYR B 124 19.38 24.84 33.90
C TYR B 124 19.16 25.52 35.23
N ASP B 125 18.75 26.79 35.19
CA ASP B 125 18.44 27.57 36.38
C ASP B 125 16.95 27.91 36.28
N THR B 126 16.59 28.95 35.49
CA THR B 126 15.20 29.32 35.19
C THR B 126 15.08 29.55 33.69
N CYS B 127 13.87 29.86 33.20
CA CYS B 127 13.59 30.17 31.80
C CYS B 127 14.13 31.56 31.40
N SER B 128 14.20 32.47 32.39
CA SER B 128 14.67 33.86 32.25
C SER B 128 16.21 34.00 32.28
N SER B 129 16.95 32.95 32.69
CA SER B 129 18.40 32.99 32.81
C SER B 129 19.11 33.21 31.47
N ASP B 130 20.35 33.70 31.53
CA ASP B 130 21.19 33.98 30.38
C ASP B 130 21.98 32.72 30.07
N TYR B 131 21.68 32.10 28.91
CA TYR B 131 22.32 30.87 28.44
C TYR B 131 23.27 31.09 27.26
N THR B 132 23.61 32.36 26.96
CA THR B 132 24.55 32.74 25.89
C THR B 132 25.88 32.02 26.10
N GLY B 133 26.24 31.19 25.13
CA GLY B 133 27.48 30.42 25.13
C GLY B 133 27.49 29.24 26.08
N LYS B 134 26.30 28.82 26.59
CA LYS B 134 26.17 27.68 27.51
C LYS B 134 25.68 26.46 26.76
N GLY B 135 26.27 25.31 27.08
CA GLY B 135 25.95 24.04 26.46
C GLY B 135 26.36 23.96 25.00
N ILE B 136 25.94 22.89 24.32
CA ILE B 136 26.25 22.62 22.92
C ILE B 136 25.15 23.14 22.00
N ASP B 137 25.53 24.05 21.11
CA ASP B 137 24.59 24.61 20.17
C ASP B 137 24.52 23.69 18.96
N GLN B 138 23.65 22.67 19.04
CA GLN B 138 23.46 21.66 18.00
C GLN B 138 22.98 22.28 16.70
N LEU B 139 22.02 23.23 16.78
CA LEU B 139 21.46 23.87 15.60
C LEU B 139 22.52 24.72 14.86
N ALA B 140 23.29 25.55 15.58
CA ALA B 140 24.35 26.36 14.98
C ALA B 140 25.44 25.48 14.35
N ASN B 141 25.75 24.35 15.01
CA ASN B 141 26.73 23.38 14.52
C ASN B 141 26.27 22.71 13.22
N ILE B 142 24.96 22.33 13.13
CA ILE B 142 24.37 21.74 11.90
C ILE B 142 24.45 22.75 10.76
N LEU B 143 24.12 24.04 11.02
CA LEU B 143 24.15 25.09 10.01
C LEU B 143 25.54 25.31 9.43
N LYS B 144 26.58 25.32 10.29
CA LYS B 144 27.99 25.43 9.91
C LYS B 144 28.42 24.21 9.07
N THR B 145 27.97 23.00 9.46
CA THR B 145 28.24 21.73 8.75
C THR B 145 27.56 21.71 7.36
N LEU B 146 26.31 22.17 7.25
CA LEU B 146 25.61 22.24 5.96
C LEU B 146 26.35 23.17 4.96
N ARG B 147 27.03 24.22 5.48
CA ARG B 147 27.80 25.17 4.68
C ARG B 147 29.18 24.62 4.30
N GLU B 148 29.88 23.94 5.24
CA GLU B 148 31.26 23.47 5.09
C GLU B 148 31.46 22.00 4.67
N ASN B 149 30.59 21.10 5.10
CA ASN B 149 30.69 19.67 4.79
C ASN B 149 29.26 19.08 4.68
N PRO B 150 28.49 19.44 3.62
CA PRO B 150 27.09 18.97 3.51
C PRO B 150 26.88 17.45 3.42
N ASP B 151 27.93 16.67 3.09
CA ASP B 151 27.85 15.21 3.00
C ASP B 151 27.95 14.51 4.36
N ASP B 152 28.20 15.29 5.43
CA ASP B 152 28.35 14.77 6.79
C ASP B 152 27.15 13.92 7.19
N ARG B 153 27.43 12.71 7.75
CA ARG B 153 26.40 11.75 8.17
C ARG B 153 26.08 11.81 9.69
N ARG B 154 26.49 12.92 10.37
CA ARG B 154 26.30 13.15 11.81
C ARG B 154 25.54 14.45 12.12
N MET B 155 24.76 14.99 11.17
CA MET B 155 24.01 16.23 11.43
C MET B 155 22.73 15.93 12.22
N ILE B 156 22.93 15.68 13.52
CA ILE B 156 21.91 15.30 14.50
C ILE B 156 21.63 16.45 15.45
N MET B 157 20.34 16.64 15.74
CA MET B 157 19.86 17.58 16.73
C MET B 157 18.89 16.78 17.62
N THR B 158 19.23 16.62 18.89
CA THR B 158 18.40 15.88 19.82
C THR B 158 17.93 16.71 20.99
N ALA B 159 16.70 16.41 21.45
CA ALA B 159 16.13 16.98 22.66
C ALA B 159 16.14 15.85 23.72
N TRP B 160 16.45 14.60 23.30
CA TRP B 160 16.49 13.48 24.23
C TRP B 160 17.77 13.45 25.07
N ASN B 161 17.70 14.15 26.19
CA ASN B 161 18.77 14.21 27.19
C ASN B 161 18.30 13.45 28.44
N PRO B 162 18.70 12.15 28.61
CA PRO B 162 18.31 11.39 29.82
C PRO B 162 18.53 12.08 31.17
N MET B 163 19.56 12.92 31.29
CA MET B 163 19.89 13.61 32.54
C MET B 163 18.99 14.78 32.89
N ASP B 164 18.32 15.37 31.89
CA ASP B 164 17.45 16.53 32.08
C ASP B 164 15.96 16.18 32.13
N LEU B 165 15.57 14.96 31.74
CA LEU B 165 14.16 14.53 31.67
C LEU B 165 13.32 14.86 32.91
N HIS B 166 13.88 14.63 34.12
CA HIS B 166 13.21 14.90 35.40
C HIS B 166 12.95 16.40 35.64
N LEU B 167 13.73 17.28 34.98
CA LEU B 167 13.63 18.73 35.09
C LEU B 167 12.59 19.32 34.12
N MET B 168 12.19 18.55 33.11
CA MET B 168 11.23 18.96 32.09
C MET B 168 9.80 18.76 32.57
N ALA B 169 8.87 19.64 32.11
CA ALA B 169 7.44 19.54 32.40
C ALA B 169 6.91 18.22 31.78
N LEU B 170 7.44 17.87 30.58
CA LEU B 170 7.10 16.65 29.83
C LEU B 170 8.37 16.17 29.14
N PRO B 171 8.56 14.83 28.97
CA PRO B 171 9.74 14.37 28.20
C PRO B 171 9.54 14.68 26.70
N PRO B 172 10.63 14.92 25.91
CA PRO B 172 10.44 15.26 24.50
C PRO B 172 9.74 14.17 23.69
N CYS B 173 8.88 14.60 22.76
CA CYS B 173 8.12 13.76 21.86
C CYS B 173 8.84 13.69 20.53
N HIS B 174 8.95 14.85 19.84
CA HIS B 174 9.69 15.03 18.60
C HIS B 174 11.10 15.17 19.17
N MET B 175 11.81 14.05 19.22
CA MET B 175 13.02 13.98 20.01
C MET B 175 14.33 14.09 19.28
N THR B 176 14.44 13.57 18.05
CA THR B 176 15.71 13.61 17.34
C THR B 176 15.49 13.86 15.88
N ALA B 177 16.23 14.81 15.32
CA ALA B 177 16.17 15.12 13.91
C ALA B 177 17.54 14.95 13.28
N GLN B 178 17.58 14.47 12.04
CA GLN B 178 18.79 14.34 11.24
C GLN B 178 18.59 15.14 9.96
N PHE B 179 19.65 15.81 9.51
CA PHE B 179 19.71 16.59 8.29
C PHE B 179 20.59 15.89 7.27
N TYR B 180 20.28 16.08 5.99
CA TYR B 180 20.94 15.38 4.89
C TYR B 180 20.92 16.26 3.66
N VAL B 181 21.98 16.20 2.86
CA VAL B 181 22.10 16.97 1.63
C VAL B 181 22.40 16.06 0.45
N ALA B 182 21.67 16.22 -0.65
CA ALA B 182 21.92 15.51 -1.91
C ALA B 182 21.41 16.39 -3.04
N ASN B 183 22.25 16.62 -4.06
CA ASN B 183 21.96 17.47 -5.25
C ASN B 183 21.49 18.89 -4.85
N GLY B 184 22.23 19.52 -3.93
CA GLY B 184 21.90 20.86 -3.43
C GLY B 184 20.57 20.98 -2.71
N GLU B 185 20.02 19.86 -2.20
CA GLU B 185 18.73 19.86 -1.49
C GLU B 185 18.90 19.40 -0.06
N LEU B 186 18.26 20.10 0.88
CA LEU B 186 18.29 19.76 2.28
C LEU B 186 17.05 18.92 2.66
N SER B 187 17.28 17.72 3.24
CA SER B 187 16.23 16.87 3.75
C SER B 187 16.36 16.76 5.27
N CYS B 188 15.26 16.45 5.93
CA CYS B 188 15.23 16.30 7.37
C CYS B 188 14.41 15.07 7.70
N GLN B 189 14.93 14.25 8.61
CA GLN B 189 14.20 13.14 9.14
C GLN B 189 14.02 13.35 10.63
N LEU B 190 12.76 13.33 11.09
CA LEU B 190 12.45 13.44 12.50
C LEU B 190 12.05 12.09 13.04
N TYR B 191 12.68 11.71 14.15
CA TYR B 191 12.30 10.54 14.91
C TYR B 191 11.42 11.06 16.05
N GLN B 192 10.14 10.66 16.02
CA GLN B 192 9.18 11.07 17.04
C GLN B 192 8.70 9.80 17.77
N ARG B 193 8.97 9.68 19.07
CA ARG B 193 8.67 8.47 19.85
C ARG B 193 7.18 8.18 20.04
N SER B 194 6.37 9.23 19.97
CA SER B 194 4.96 9.16 20.26
C SER B 194 4.24 10.23 19.45
N GLY B 195 3.19 9.85 18.76
CA GLY B 195 2.42 10.80 17.98
C GLY B 195 0.93 10.63 18.03
N ASP B 196 0.21 11.67 18.47
CA ASP B 196 -1.26 11.75 18.46
C ASP B 196 -1.55 12.16 17.02
N VAL B 197 -1.93 11.18 16.22
CA VAL B 197 -2.17 11.38 14.80
C VAL B 197 -3.32 12.39 14.55
N GLY B 198 -4.31 12.43 15.44
CA GLY B 198 -5.43 13.36 15.30
C GLY B 198 -5.16 14.79 15.66
N LEU B 199 -4.21 15.05 16.59
CA LEU B 199 -3.96 16.41 17.08
C LEU B 199 -2.52 16.95 16.94
N GLY B 200 -1.54 16.32 17.58
CA GLY B 200 -0.14 16.77 17.57
C GLY B 200 0.60 16.59 16.27
N VAL B 201 0.43 15.43 15.60
CA VAL B 201 1.16 15.04 14.39
C VAL B 201 0.99 16.04 13.23
N PRO B 202 -0.24 16.50 12.83
CA PRO B 202 -0.33 17.52 11.78
C PRO B 202 0.51 18.79 12.07
N PHE B 203 0.56 19.18 13.35
CA PHE B 203 1.32 20.32 13.84
C PHE B 203 2.86 20.07 13.77
N ASN B 204 3.32 18.84 14.13
CA ASN B 204 4.73 18.44 14.06
C ASN B 204 5.18 18.42 12.60
N ILE B 205 4.31 17.94 11.68
CA ILE B 205 4.61 17.91 10.24
C ILE B 205 4.89 19.33 9.70
N ALA B 206 4.01 20.31 10.00
CA ALA B 206 4.13 21.71 9.56
C ALA B 206 5.35 22.37 10.21
N SER B 207 5.57 22.07 11.50
CA SER B 207 6.68 22.59 12.31
C SER B 207 8.08 22.25 11.77
N TYR B 208 8.40 20.95 11.59
CA TYR B 208 9.70 20.50 11.08
C TYR B 208 9.89 20.77 9.59
N SER B 209 8.80 20.82 8.83
CA SER B 209 8.84 21.18 7.42
C SER B 209 9.21 22.66 7.33
N LEU B 210 8.65 23.51 8.23
CA LEU B 210 8.99 24.92 8.28
C LEU B 210 10.47 25.11 8.65
N LEU B 211 10.93 24.39 9.69
CA LEU B 211 12.31 24.36 10.15
C LEU B 211 13.27 24.04 8.98
N THR B 212 12.96 23.04 8.15
CA THR B 212 13.80 22.62 7.02
C THR B 212 13.90 23.73 5.97
N HIS B 213 12.76 24.33 5.59
CA HIS B 213 12.68 25.48 4.67
C HIS B 213 13.52 26.65 5.22
N LEU B 214 13.35 26.98 6.53
CA LEU B 214 14.09 28.09 7.17
C LEU B 214 15.60 27.81 7.16
N MET B 215 16.01 26.58 7.55
CA MET B 215 17.42 26.17 7.56
C MET B 215 18.03 26.19 6.16
N ALA B 216 17.30 25.73 5.11
CA ALA B 216 17.76 25.75 3.72
C ALA B 216 18.08 27.17 3.28
N SER B 217 17.21 28.15 3.62
CA SER B 217 17.40 29.57 3.25
C SER B 217 18.64 30.16 3.94
N MET B 218 18.98 29.66 5.13
CA MET B 218 20.16 30.08 5.90
C MET B 218 21.47 29.66 5.24
N VAL B 219 21.47 28.52 4.51
CA VAL B 219 22.71 27.91 4.03
C VAL B 219 22.85 27.80 2.50
N GLY B 220 21.97 28.44 1.75
CA GLY B 220 22.03 28.43 0.29
C GLY B 220 21.67 27.11 -0.37
N LEU B 221 20.83 26.32 0.28
CA LEU B 221 20.36 25.05 -0.25
C LEU B 221 18.87 25.15 -0.58
N LYS B 222 18.35 24.18 -1.33
CA LYS B 222 16.94 24.14 -1.68
C LYS B 222 16.27 23.09 -0.75
N PRO B 223 15.02 23.28 -0.31
CA PRO B 223 14.39 22.24 0.52
C PRO B 223 14.12 20.98 -0.31
N GLY B 224 14.30 19.82 0.29
CA GLY B 224 14.13 18.56 -0.41
C GLY B 224 12.89 17.85 0.07
N GLU B 225 13.03 17.06 1.13
CA GLU B 225 11.99 16.22 1.71
C GLU B 225 11.98 16.31 3.23
N PHE B 226 10.82 16.07 3.81
CA PHE B 226 10.68 15.99 5.26
C PHE B 226 10.11 14.62 5.53
N ILE B 227 10.83 13.86 6.34
CA ILE B 227 10.45 12.51 6.70
C ILE B 227 10.10 12.49 8.18
N LEU B 228 8.89 12.05 8.49
CA LEU B 228 8.46 11.85 9.87
C LEU B 228 8.41 10.34 10.13
N THR B 229 9.25 9.87 11.09
CA THR B 229 9.28 8.47 11.51
C THR B 229 8.71 8.43 12.91
N LEU B 230 7.60 7.71 13.06
CA LEU B 230 6.96 7.62 14.37
C LEU B 230 7.30 6.34 15.13
N GLY B 231 7.26 6.42 16.45
CA GLY B 231 7.37 5.29 17.35
C GLY B 231 5.94 4.81 17.55
N ASP B 232 5.32 5.16 18.68
CA ASP B 232 3.92 4.83 18.91
C ASP B 232 3.02 5.89 18.24
N ALA B 233 2.48 5.54 17.06
CA ALA B 233 1.58 6.40 16.27
C ALA B 233 0.18 5.96 16.66
N HIS B 234 -0.58 6.84 17.30
CA HIS B 234 -1.89 6.44 17.83
C HIS B 234 -3.01 7.45 17.60
N ILE B 235 -4.25 6.95 17.70
CA ILE B 235 -5.48 7.75 17.64
C ILE B 235 -6.19 7.54 18.98
N TYR B 236 -6.58 8.63 19.68
CA TYR B 236 -7.36 8.52 20.92
C TYR B 236 -8.78 8.13 20.55
N ASN B 237 -9.37 7.24 21.33
CA ASN B 237 -10.73 6.74 21.10
C ASN B 237 -11.78 7.86 20.97
N THR B 238 -11.53 9.00 21.64
CA THR B 238 -12.40 10.19 21.63
C THR B 238 -12.34 10.94 20.29
N HIS B 239 -11.30 10.69 19.47
CA HIS B 239 -11.11 11.37 18.17
C HIS B 239 -11.63 10.59 16.97
N ILE B 240 -11.99 9.30 17.15
CA ILE B 240 -12.32 8.40 16.02
C ILE B 240 -13.40 8.98 15.08
N GLU B 241 -14.53 9.43 15.62
CA GLU B 241 -15.65 9.97 14.82
C GLU B 241 -15.28 11.24 14.04
N VAL B 242 -14.59 12.20 14.67
CA VAL B 242 -14.19 13.44 14.00
C VAL B 242 -13.16 13.13 12.87
N LEU B 243 -12.24 12.19 13.10
CA LEU B 243 -11.26 11.75 12.11
C LEU B 243 -11.92 11.04 10.91
N LYS B 244 -12.95 10.22 11.16
CA LYS B 244 -13.74 9.54 10.11
C LYS B 244 -14.39 10.57 9.18
N LYS B 245 -14.86 11.68 9.73
CA LYS B 245 -15.46 12.81 8.99
C LYS B 245 -14.41 13.54 8.14
N GLN B 246 -13.20 13.75 8.72
CA GLN B 246 -12.09 14.42 8.03
C GLN B 246 -11.62 13.58 6.83
N LEU B 247 -11.69 12.23 6.94
CA LEU B 247 -11.28 11.31 5.88
C LEU B 247 -12.10 11.46 4.61
N CYS B 248 -13.32 12.00 4.70
CA CYS B 248 -14.21 12.20 3.56
C CYS B 248 -13.98 13.53 2.83
N ARG B 249 -13.12 14.38 3.40
CA ARG B 249 -12.75 15.65 2.80
C ARG B 249 -11.70 15.41 1.72
N VAL B 250 -11.93 15.98 0.51
CA VAL B 250 -11.00 15.87 -0.62
C VAL B 250 -9.83 16.84 -0.40
N PRO B 251 -8.56 16.39 -0.29
CA PRO B 251 -7.46 17.36 -0.08
C PRO B 251 -7.35 18.34 -1.23
N ARG B 252 -6.95 19.56 -0.91
CA ARG B 252 -6.67 20.61 -1.89
C ARG B 252 -5.13 20.56 -2.01
N PRO B 253 -4.49 21.11 -3.09
CA PRO B 253 -3.00 21.11 -3.10
C PRO B 253 -2.41 21.81 -1.86
N PHE B 254 -1.24 21.34 -1.40
CA PHE B 254 -0.57 21.95 -0.25
C PHE B 254 -0.21 23.41 -0.53
N PRO B 255 -0.15 24.29 0.53
CA PRO B 255 0.30 25.68 0.27
C PRO B 255 1.78 25.74 -0.08
N LYS B 256 2.26 26.94 -0.41
CA LYS B 256 3.67 27.18 -0.71
C LYS B 256 4.18 28.11 0.37
N LEU B 257 5.42 27.93 0.82
CA LEU B 257 6.02 28.85 1.79
C LEU B 257 6.81 29.88 1.02
N ARG B 258 6.55 31.16 1.31
CA ARG B 258 7.29 32.25 0.70
C ARG B 258 8.14 32.88 1.77
N ILE B 259 9.46 32.82 1.60
CA ILE B 259 10.44 33.40 2.52
C ILE B 259 10.87 34.70 1.90
N LEU B 260 10.64 35.82 2.61
CA LEU B 260 10.95 37.17 2.13
C LEU B 260 12.42 37.52 2.32
N MET B 261 13.03 36.98 3.39
CA MET B 261 14.41 37.20 3.77
C MET B 261 14.82 36.18 4.80
N ALA B 262 16.13 35.98 4.93
CA ALA B 262 16.72 35.11 5.96
C ALA B 262 17.69 36.00 6.78
N PRO B 263 17.59 36.09 8.12
CA PRO B 263 18.55 36.93 8.85
C PRO B 263 19.91 36.21 9.00
N GLU B 264 20.93 36.90 9.51
CA GLU B 264 22.26 36.32 9.70
C GLU B 264 22.22 35.12 10.66
N LYS B 265 21.41 35.21 11.73
CA LYS B 265 21.25 34.18 12.76
C LYS B 265 19.82 33.66 12.73
N ILE B 266 19.65 32.35 12.75
CA ILE B 266 18.35 31.68 12.65
C ILE B 266 17.36 32.08 13.80
N GLU B 267 17.87 32.42 14.99
CA GLU B 267 17.03 32.84 16.13
C GLU B 267 16.42 34.24 15.96
N ASP B 268 16.86 34.99 14.90
CA ASP B 268 16.37 36.32 14.55
C ASP B 268 15.27 36.26 13.48
N PHE B 269 14.77 35.07 13.15
CA PHE B 269 13.65 34.91 12.23
C PHE B 269 12.39 35.34 12.99
N THR B 270 11.54 36.14 12.33
CA THR B 270 10.25 36.58 12.86
C THR B 270 9.19 36.08 11.88
N ILE B 271 7.94 35.94 12.37
CA ILE B 271 6.76 35.52 11.60
C ILE B 271 6.58 36.41 10.33
N ASP B 272 7.02 37.68 10.40
CA ASP B 272 6.92 38.65 9.30
C ASP B 272 7.82 38.33 8.08
N MET B 273 8.84 37.49 8.25
CA MET B 273 9.84 37.15 7.24
C MET B 273 9.43 36.06 6.26
N PHE B 274 8.29 35.43 6.51
CA PHE B 274 7.78 34.35 5.66
C PHE B 274 6.27 34.22 5.86
N TYR B 275 5.58 33.54 4.93
CA TYR B 275 4.14 33.37 5.00
C TYR B 275 3.67 32.23 4.10
N LEU B 276 2.45 31.73 4.36
CA LEU B 276 1.82 30.69 3.54
C LEU B 276 1.11 31.30 2.33
N GLU B 277 1.39 30.77 1.15
CA GLU B 277 0.74 31.22 -0.08
C GLU B 277 -0.20 30.13 -0.58
N GLY B 278 -1.45 30.51 -0.85
CA GLY B 278 -2.46 29.60 -1.36
C GLY B 278 -2.91 28.53 -0.39
N TYR B 279 -2.97 28.84 0.92
CA TYR B 279 -3.44 27.90 1.94
C TYR B 279 -4.97 27.93 1.94
N GLN B 280 -5.59 26.82 1.45
CA GLN B 280 -7.04 26.70 1.35
C GLN B 280 -7.56 25.52 2.18
N PRO B 281 -7.60 25.58 3.52
CA PRO B 281 -8.12 24.43 4.27
C PRO B 281 -9.64 24.34 4.22
N HIS B 282 -10.17 23.15 4.55
CA HIS B 282 -11.61 22.89 4.65
C HIS B 282 -12.08 23.56 5.96
N SER B 283 -13.26 24.24 5.92
CA SER B 283 -13.85 24.85 7.11
C SER B 283 -14.96 23.97 7.67
N MET C 4 5.94 -6.04 -27.94
CA MET C 4 5.28 -6.65 -29.09
C MET C 4 4.05 -7.55 -28.66
N GLU C 5 3.90 -8.74 -29.29
CA GLU C 5 2.79 -9.69 -29.08
C GLU C 5 3.26 -11.07 -28.56
N GLY C 6 2.28 -11.90 -28.19
CA GLY C 6 2.53 -13.22 -27.65
C GLY C 6 3.06 -13.09 -26.23
N GLU C 7 4.23 -13.68 -25.98
CA GLU C 7 4.85 -13.61 -24.65
C GLU C 7 5.34 -12.21 -24.31
N HIS C 8 5.64 -11.38 -25.34
CA HIS C 8 6.11 -10.02 -25.15
C HIS C 8 5.07 -9.17 -24.45
N GLN C 9 3.76 -9.50 -24.62
CA GLN C 9 2.60 -8.88 -23.96
C GLN C 9 2.82 -9.02 -22.44
N TYR C 10 3.07 -10.26 -21.97
CA TYR C 10 3.32 -10.60 -20.56
C TYR C 10 4.57 -9.89 -20.01
N LEU C 11 5.70 -9.97 -20.72
CA LEU C 11 6.96 -9.35 -20.33
C LEU C 11 6.86 -7.83 -20.27
N ASN C 12 6.13 -7.21 -21.21
CA ASN C 12 5.89 -5.76 -21.20
C ASN C 12 5.01 -5.33 -20.05
N LEU C 13 4.06 -6.19 -19.64
CA LEU C 13 3.23 -5.92 -18.48
C LEU C 13 4.11 -5.94 -17.20
N VAL C 14 5.03 -6.94 -17.06
CA VAL C 14 5.98 -7.02 -15.93
C VAL C 14 6.79 -5.72 -15.86
N ARG C 15 7.38 -5.31 -16.99
CA ARG C 15 8.17 -4.07 -17.19
C ARG C 15 7.37 -2.85 -16.76
N GLU C 16 6.11 -2.75 -17.24
CA GLU C 16 5.21 -1.62 -16.95
C GLU C 16 4.92 -1.51 -15.44
N ILE C 17 4.70 -2.64 -14.75
CA ILE C 17 4.44 -2.61 -13.30
C ILE C 17 5.70 -2.20 -12.54
N LEU C 18 6.86 -2.72 -12.96
CA LEU C 18 8.14 -2.37 -12.32
C LEU C 18 8.49 -0.90 -12.49
N GLU C 19 8.21 -0.32 -13.67
CA GLU C 19 8.51 1.07 -14.01
C GLU C 19 7.47 2.08 -13.54
N ARG C 20 6.17 1.76 -13.69
CA ARG C 20 5.08 2.71 -13.42
C ARG C 20 4.15 2.34 -12.27
N GLY C 21 4.30 1.11 -11.72
CA GLY C 21 3.45 0.62 -10.63
C GLY C 21 3.55 1.49 -9.40
N VAL C 22 2.44 1.63 -8.66
CA VAL C 22 2.43 2.40 -7.41
C VAL C 22 2.71 1.45 -6.26
N LYS C 23 3.39 1.95 -5.21
CA LYS C 23 3.65 1.20 -3.98
C LYS C 23 2.31 1.10 -3.23
N LYS C 24 1.77 -0.11 -3.11
CA LYS C 24 0.46 -0.40 -2.51
C LYS C 24 0.84 -1.49 -1.51
N ASP C 25 1.10 -1.05 -0.26
CA ASP C 25 1.72 -1.88 0.79
C ASP C 25 0.78 -2.43 1.88
N ASP C 26 1.30 -3.50 2.59
CA ASP C 26 0.66 -4.29 3.65
C ASP C 26 1.70 -4.50 4.78
N ARG C 27 1.62 -3.66 5.82
CA ARG C 27 2.53 -3.60 6.96
C ARG C 27 2.86 -4.94 7.66
N THR C 28 1.82 -5.74 7.95
CA THR C 28 1.96 -7.01 8.65
C THR C 28 2.13 -8.17 7.63
N GLY C 29 2.36 -7.81 6.36
CA GLY C 29 2.52 -8.74 5.25
C GLY C 29 3.48 -8.28 4.18
N THR C 30 3.06 -8.37 2.91
CA THR C 30 3.87 -8.05 1.73
C THR C 30 3.24 -6.94 0.87
N GLY C 31 4.06 -5.94 0.58
CA GLY C 31 3.74 -4.85 -0.32
C GLY C 31 3.76 -5.27 -1.77
N THR C 32 3.18 -4.44 -2.64
CA THR C 32 3.10 -4.66 -4.08
C THR C 32 3.42 -3.39 -4.87
N LEU C 33 3.68 -3.57 -6.16
CA LEU C 33 3.78 -2.50 -7.16
C LEU C 33 2.52 -2.79 -7.95
N SER C 34 1.68 -1.80 -8.20
CA SER C 34 0.36 -2.04 -8.80
C SER C 34 -0.05 -1.06 -9.91
N ILE C 35 -0.77 -1.58 -10.92
CA ILE C 35 -1.44 -0.81 -12.00
C ILE C 35 -2.89 -1.35 -12.17
N PHE C 36 -3.80 -0.53 -12.70
CA PHE C 36 -5.19 -0.94 -12.88
C PHE C 36 -5.59 -1.00 -14.32
N GLY C 37 -6.34 -2.02 -14.67
CA GLY C 37 -6.91 -2.22 -16.01
C GLY C 37 -6.05 -2.71 -17.16
N PRO C 38 -4.85 -3.34 -17.01
CA PRO C 38 -4.13 -3.78 -18.21
C PRO C 38 -4.79 -4.98 -18.88
N GLN C 39 -4.63 -5.07 -20.19
CA GLN C 39 -5.19 -6.13 -21.02
C GLN C 39 -4.08 -6.79 -21.82
N MET C 40 -4.17 -8.13 -22.01
CA MET C 40 -3.26 -8.95 -22.82
C MET C 40 -4.08 -9.85 -23.71
N ARG C 41 -3.64 -10.02 -24.96
CA ARG C 41 -4.33 -10.80 -26.00
C ARG C 41 -3.41 -11.89 -26.53
N PHE C 42 -3.90 -13.13 -26.56
CA PHE C 42 -3.09 -14.27 -27.06
C PHE C 42 -3.82 -15.01 -28.17
N SER C 43 -3.17 -15.15 -29.32
CA SER C 43 -3.70 -15.95 -30.42
C SER C 43 -3.62 -17.43 -30.08
N LEU C 44 -4.74 -18.13 -30.27
CA LEU C 44 -4.86 -19.58 -30.06
C LEU C 44 -4.90 -20.29 -31.44
N ARG C 45 -4.63 -19.55 -32.53
CA ARG C 45 -4.62 -20.07 -33.91
C ARG C 45 -3.42 -20.98 -34.14
N ASP C 46 -3.55 -21.89 -35.12
CA ASP C 46 -2.54 -22.90 -35.48
C ASP C 46 -2.15 -23.76 -34.28
N ASP C 47 -3.16 -24.10 -33.44
CA ASP C 47 -3.05 -24.96 -32.24
C ASP C 47 -2.22 -24.36 -31.09
N THR C 48 -1.80 -23.07 -31.21
CA THR C 48 -0.98 -22.37 -30.23
C THR C 48 -1.70 -22.20 -28.89
N ILE C 49 -0.97 -22.48 -27.79
CA ILE C 49 -1.46 -22.29 -26.43
C ILE C 49 -0.42 -21.45 -25.67
N PRO C 50 -0.82 -20.27 -25.11
CA PRO C 50 0.17 -19.40 -24.45
C PRO C 50 0.66 -19.88 -23.07
N VAL C 51 1.51 -20.90 -23.09
CA VAL C 51 2.16 -21.42 -21.89
C VAL C 51 3.56 -20.76 -21.92
N LEU C 52 3.87 -19.86 -20.96
CA LEU C 52 5.12 -19.09 -20.93
C LEU C 52 6.36 -19.94 -21.11
N THR C 53 7.33 -19.42 -21.88
CA THR C 53 8.61 -20.08 -22.17
C THR C 53 9.75 -19.43 -21.37
N THR C 54 9.56 -18.18 -20.85
CA THR C 54 10.59 -17.49 -20.07
C THR C 54 10.67 -18.01 -18.61
N LYS C 55 9.71 -18.87 -18.22
CA LYS C 55 9.62 -19.52 -16.91
C LYS C 55 8.86 -20.82 -17.15
N LYS C 56 9.27 -21.93 -16.50
CA LYS C 56 8.55 -23.21 -16.62
C LYS C 56 7.22 -23.16 -15.86
N ILE C 57 6.11 -23.41 -16.56
CA ILE C 57 4.76 -23.42 -15.97
C ILE C 57 4.43 -24.84 -15.53
N PHE C 58 3.79 -24.98 -14.33
CA PHE C 58 3.35 -26.27 -13.81
C PHE C 58 2.09 -26.71 -14.61
N TRP C 59 2.31 -27.20 -15.85
CA TRP C 59 1.25 -27.61 -16.77
C TRP C 59 0.28 -28.63 -16.18
N ARG C 60 0.79 -29.66 -15.50
CA ARG C 60 -0.02 -30.69 -14.86
C ARG C 60 -0.98 -30.09 -13.82
N GLY C 61 -0.51 -29.08 -13.07
CA GLY C 61 -1.30 -28.34 -12.09
C GLY C 61 -2.40 -27.53 -12.75
N VAL C 62 -2.05 -26.86 -13.88
CA VAL C 62 -2.97 -26.07 -14.69
C VAL C 62 -4.15 -26.96 -15.12
N VAL C 63 -3.81 -28.11 -15.74
CA VAL C 63 -4.75 -29.10 -16.26
C VAL C 63 -5.66 -29.66 -15.18
N GLU C 64 -5.10 -30.25 -14.12
CA GLU C 64 -5.89 -30.85 -13.05
C GLU C 64 -6.78 -29.83 -12.32
N GLU C 65 -6.30 -28.59 -12.10
CA GLU C 65 -7.15 -27.58 -11.47
C GLU C 65 -8.34 -27.20 -12.38
N LEU C 66 -8.09 -27.07 -13.71
CA LEU C 66 -9.16 -26.74 -14.67
C LEU C 66 -10.22 -27.82 -14.76
N LEU C 67 -9.81 -29.10 -14.88
CA LEU C 67 -10.74 -30.23 -14.96
C LEU C 67 -11.60 -30.32 -13.71
N TRP C 68 -10.98 -30.07 -12.55
CA TRP C 68 -11.62 -30.04 -11.24
C TRP C 68 -12.69 -28.88 -11.20
N PHE C 69 -12.37 -27.72 -11.82
CA PHE C 69 -13.32 -26.60 -12.01
C PHE C 69 -14.48 -27.02 -12.92
N ILE C 70 -14.14 -27.58 -14.11
CA ILE C 70 -15.12 -28.05 -15.09
C ILE C 70 -16.10 -29.08 -14.46
N ARG C 71 -15.61 -29.95 -13.57
CA ARG C 71 -16.45 -30.95 -12.88
C ARG C 71 -17.38 -30.30 -11.82
N GLY C 72 -17.06 -29.07 -11.44
CA GLY C 72 -17.79 -28.32 -10.43
C GLY C 72 -17.38 -28.72 -9.02
N ASN C 73 -16.21 -29.42 -8.90
CA ASN C 73 -15.63 -29.91 -7.65
C ASN C 73 -14.96 -28.80 -6.86
N THR C 74 -15.12 -28.85 -5.52
CA THR C 74 -14.64 -27.85 -4.53
C THR C 74 -13.87 -28.49 -3.37
N ASP C 75 -13.56 -29.79 -3.48
CA ASP C 75 -12.80 -30.53 -2.48
C ASP C 75 -11.31 -30.49 -2.84
N ALA C 76 -10.50 -29.77 -2.04
CA ALA C 76 -9.03 -29.70 -2.21
C ALA C 76 -8.37 -31.08 -2.03
N LYS C 77 -9.00 -31.99 -1.25
CA LYS C 77 -8.51 -33.36 -1.03
C LYS C 77 -8.56 -34.16 -2.35
N GLU C 78 -9.51 -33.84 -3.25
CA GLU C 78 -9.60 -34.50 -4.55
C GLU C 78 -8.45 -34.11 -5.46
N LEU C 79 -7.92 -32.88 -5.30
CA LEU C 79 -6.75 -32.42 -6.04
C LEU C 79 -5.51 -33.02 -5.43
N ALA C 80 -5.46 -33.11 -4.08
CA ALA C 80 -4.35 -33.65 -3.31
C ALA C 80 -4.05 -35.09 -3.73
N LYS C 81 -5.12 -35.87 -4.00
CA LYS C 81 -5.10 -37.25 -4.46
C LYS C 81 -4.34 -37.38 -5.79
N LYS C 82 -4.40 -36.31 -6.64
CA LYS C 82 -3.73 -36.20 -7.94
C LYS C 82 -2.34 -35.55 -7.83
N LYS C 83 -1.85 -35.40 -6.60
CA LYS C 83 -0.54 -34.81 -6.25
C LYS C 83 -0.43 -33.33 -6.69
N ILE C 84 -1.58 -32.60 -6.62
CA ILE C 84 -1.72 -31.17 -6.87
C ILE C 84 -2.11 -30.63 -5.50
N HIS C 85 -1.21 -29.88 -4.84
CA HIS C 85 -1.39 -29.40 -3.47
C HIS C 85 -1.56 -27.88 -3.35
N ILE C 86 -1.80 -27.21 -4.50
CA ILE C 86 -1.95 -25.75 -4.61
C ILE C 86 -3.15 -25.18 -3.82
N TRP C 87 -4.17 -26.01 -3.54
CA TRP C 87 -5.38 -25.60 -2.81
C TRP C 87 -5.47 -26.09 -1.36
N ASN C 88 -4.51 -26.92 -0.93
CA ASN C 88 -4.48 -27.53 0.40
C ASN C 88 -4.44 -26.52 1.55
N ALA C 89 -3.61 -25.46 1.40
CA ALA C 89 -3.45 -24.40 2.41
C ALA C 89 -4.76 -23.65 2.71
N ASN C 90 -5.53 -23.30 1.68
CA ASN C 90 -6.80 -22.58 1.84
C ASN C 90 -7.96 -23.50 2.27
N GLY C 91 -7.69 -24.81 2.29
CA GLY C 91 -8.64 -25.80 2.76
C GLY C 91 -8.31 -26.29 4.15
N SER C 92 -7.17 -25.82 4.73
CA SER C 92 -6.69 -26.23 6.07
C SER C 92 -7.62 -25.75 7.18
N ARG C 93 -7.65 -26.50 8.30
CA ARG C 93 -8.44 -26.22 9.51
C ARG C 93 -8.22 -24.78 9.97
N GLU C 94 -6.94 -24.38 10.11
CA GLU C 94 -6.52 -23.03 10.54
C GLU C 94 -7.02 -21.93 9.62
N PHE C 95 -6.97 -22.16 8.29
CA PHE C 95 -7.44 -21.17 7.33
C PHE C 95 -8.98 -21.07 7.31
N LEU C 96 -9.68 -22.22 7.35
CA LEU C 96 -11.15 -22.28 7.39
C LEU C 96 -11.65 -21.60 8.68
N ASP C 97 -10.96 -21.83 9.82
CA ASP C 97 -11.29 -21.20 11.10
C ASP C 97 -11.08 -19.67 11.06
N SER C 98 -10.06 -19.18 10.32
CA SER C 98 -9.73 -17.76 10.14
C SER C 98 -10.82 -17.03 9.34
N ARG C 99 -11.55 -17.75 8.47
CA ARG C 99 -12.64 -17.22 7.65
C ARG C 99 -13.99 -17.35 8.38
N GLY C 100 -13.93 -17.88 9.61
CA GLY C 100 -15.09 -18.08 10.46
C GLY C 100 -15.96 -19.24 10.03
N LEU C 101 -15.34 -20.26 9.37
CA LEU C 101 -16.01 -21.46 8.86
C LEU C 101 -15.55 -22.69 9.68
N TYR C 102 -15.87 -22.66 10.99
CA TYR C 102 -15.50 -23.67 12.00
C TYR C 102 -16.16 -25.03 11.80
N ASP C 103 -17.41 -25.05 11.31
CA ASP C 103 -18.18 -26.28 11.08
C ASP C 103 -17.77 -27.01 9.80
N ARG C 104 -17.14 -26.27 8.88
CA ARG C 104 -16.68 -26.74 7.58
C ARG C 104 -15.56 -27.78 7.73
N ALA C 105 -15.68 -28.94 7.04
CA ALA C 105 -14.67 -30.01 7.06
C ALA C 105 -13.38 -29.58 6.32
N GLU C 106 -12.22 -30.13 6.71
CA GLU C 106 -10.91 -29.82 6.11
C GLU C 106 -10.89 -30.22 4.63
N GLY C 107 -10.43 -29.28 3.80
CA GLY C 107 -10.36 -29.40 2.35
C GLY C 107 -11.59 -28.90 1.61
N ASP C 108 -12.69 -28.66 2.35
CA ASP C 108 -13.95 -28.17 1.79
C ASP C 108 -13.88 -26.65 1.63
N LEU C 109 -13.60 -26.21 0.40
CA LEU C 109 -13.39 -24.81 0.05
C LEU C 109 -14.65 -23.98 -0.07
N GLY C 110 -15.81 -24.64 -0.06
CA GLY C 110 -17.09 -23.95 -0.21
C GLY C 110 -17.49 -23.82 -1.67
N PRO C 111 -18.50 -23.00 -1.99
CA PRO C 111 -18.95 -22.89 -3.39
C PRO C 111 -18.04 -22.03 -4.30
N VAL C 112 -16.76 -22.40 -4.39
CA VAL C 112 -15.74 -21.70 -5.21
C VAL C 112 -15.89 -22.07 -6.70
N TYR C 113 -15.21 -21.29 -7.57
CA TYR C 113 -15.13 -21.34 -9.04
C TYR C 113 -16.08 -22.32 -9.75
N GLY C 114 -15.62 -23.56 -9.98
CA GLY C 114 -16.35 -24.61 -10.67
C GLY C 114 -17.77 -24.87 -10.20
N PHE C 115 -18.03 -24.78 -8.88
CA PHE C 115 -19.38 -24.93 -8.34
C PHE C 115 -20.27 -23.82 -8.92
N GLN C 116 -19.75 -22.61 -9.07
CA GLN C 116 -20.52 -21.49 -9.65
C GLN C 116 -20.73 -21.69 -11.14
N TRP C 117 -19.72 -22.26 -11.86
CA TRP C 117 -19.79 -22.51 -13.29
C TRP C 117 -20.89 -23.48 -13.65
N ARG C 118 -21.02 -24.55 -12.85
CA ARG C 118 -21.95 -25.64 -13.09
C ARG C 118 -23.23 -25.58 -12.27
N HIS C 119 -23.21 -24.91 -11.10
CA HIS C 119 -24.36 -24.89 -10.19
C HIS C 119 -24.68 -23.51 -9.61
N PHE C 120 -24.53 -22.43 -10.39
CA PHE C 120 -24.81 -21.09 -9.88
C PHE C 120 -26.19 -21.00 -9.18
N GLY C 121 -26.21 -20.51 -7.94
CA GLY C 121 -27.44 -20.31 -7.20
C GLY C 121 -27.92 -21.47 -6.36
N ALA C 122 -27.30 -22.65 -6.52
CA ALA C 122 -27.65 -23.85 -5.74
C ALA C 122 -27.22 -23.65 -4.28
N GLU C 123 -27.98 -24.26 -3.35
CA GLU C 123 -27.68 -24.24 -1.93
C GLU C 123 -26.50 -25.20 -1.69
N TYR C 124 -25.43 -24.69 -1.08
CA TYR C 124 -24.26 -25.50 -0.80
C TYR C 124 -24.44 -26.26 0.50
N ASP C 125 -24.01 -27.53 0.52
CA ASP C 125 -24.05 -28.35 1.73
C ASP C 125 -22.59 -28.68 2.05
N THR C 126 -22.01 -29.73 1.40
CA THR C 126 -20.61 -30.10 1.54
C THR C 126 -20.03 -30.26 0.13
N CYS C 127 -18.69 -30.42 0.00
CA CYS C 127 -18.00 -30.66 -1.28
C CYS C 127 -18.40 -32.02 -1.87
N SER C 128 -18.73 -32.99 -0.99
CA SER C 128 -19.12 -34.37 -1.31
C SER C 128 -20.57 -34.53 -1.76
N SER C 129 -21.41 -33.48 -1.56
CA SER C 129 -22.83 -33.53 -1.90
C SER C 129 -23.12 -33.70 -3.40
N ASP C 130 -24.30 -34.26 -3.72
CA ASP C 130 -24.76 -34.49 -5.08
C ASP C 130 -25.47 -33.22 -5.55
N TYR C 131 -24.87 -32.55 -6.54
CA TYR C 131 -25.38 -31.30 -7.11
C TYR C 131 -25.96 -31.47 -8.53
N THR C 132 -26.18 -32.73 -8.96
CA THR C 132 -26.74 -33.06 -10.27
C THR C 132 -28.10 -32.36 -10.42
N GLY C 133 -28.18 -31.50 -11.43
CA GLY C 133 -29.38 -30.73 -11.74
C GLY C 133 -29.68 -29.57 -10.80
N LYS C 134 -28.69 -29.19 -9.95
CA LYS C 134 -28.84 -28.09 -8.99
C LYS C 134 -28.17 -26.84 -9.53
N GLY C 135 -28.85 -25.70 -9.34
CA GLY C 135 -28.37 -24.41 -9.80
C GLY C 135 -28.34 -24.28 -11.32
N ILE C 136 -27.75 -23.19 -11.80
CA ILE C 136 -27.63 -22.87 -13.23
C ILE C 136 -26.31 -23.36 -13.79
N ASP C 137 -26.38 -24.26 -14.77
CA ASP C 137 -25.19 -24.78 -15.43
C ASP C 137 -24.80 -23.81 -16.53
N GLN C 138 -24.00 -22.80 -16.17
CA GLN C 138 -23.55 -21.76 -17.09
C GLN C 138 -22.71 -22.31 -18.22
N LEU C 139 -21.80 -23.25 -17.91
CA LEU C 139 -20.91 -23.87 -18.90
C LEU C 139 -21.69 -24.69 -19.91
N ALA C 140 -22.63 -25.55 -19.47
CA ALA C 140 -23.46 -26.35 -20.39
C ALA C 140 -24.32 -25.44 -21.26
N ASN C 141 -24.83 -24.34 -20.70
CA ASN C 141 -25.66 -23.36 -21.41
C ASN C 141 -24.85 -22.65 -22.51
N ILE C 142 -23.58 -22.27 -22.22
CA ILE C 142 -22.68 -21.64 -23.21
C ILE C 142 -22.40 -22.62 -24.35
N LEU C 143 -22.12 -23.91 -24.02
CA LEU C 143 -21.85 -24.95 -25.02
C LEU C 143 -23.02 -25.16 -25.99
N LYS C 144 -24.26 -25.18 -25.47
CA LYS C 144 -25.50 -25.30 -26.24
C LYS C 144 -25.68 -24.06 -27.16
N THR C 145 -25.38 -22.85 -26.63
CA THR C 145 -25.48 -21.57 -27.33
C THR C 145 -24.43 -21.49 -28.44
N LEU C 146 -23.21 -21.93 -28.18
CA LEU C 146 -22.16 -21.95 -29.20
C LEU C 146 -22.58 -22.81 -30.41
N ARG C 147 -23.31 -23.92 -30.16
CA ARG C 147 -23.78 -24.84 -31.19
C ARG C 147 -24.99 -24.30 -31.95
N GLU C 148 -25.95 -23.68 -31.24
CA GLU C 148 -27.24 -23.23 -31.77
C GLU C 148 -27.37 -21.76 -32.18
N ASN C 149 -26.67 -20.85 -31.47
CA ASN C 149 -26.73 -19.42 -31.73
C ASN C 149 -25.35 -18.78 -31.43
N PRO C 150 -24.30 -19.08 -32.24
CA PRO C 150 -22.95 -18.57 -31.93
C PRO C 150 -22.77 -17.07 -31.91
N ASP C 151 -23.71 -16.29 -32.51
CA ASP C 151 -23.68 -14.82 -32.52
C ASP C 151 -24.19 -14.17 -31.23
N ASP C 152 -24.70 -14.98 -30.30
CA ASP C 152 -25.22 -14.52 -29.02
C ASP C 152 -24.18 -13.67 -28.27
N ARG C 153 -24.62 -12.50 -27.76
CA ARG C 153 -23.74 -11.56 -27.02
C ARG C 153 -23.89 -11.66 -25.48
N ARG C 154 -24.47 -12.78 -24.98
CA ARG C 154 -24.72 -13.05 -23.56
C ARG C 154 -24.04 -14.38 -23.10
N MET C 155 -22.99 -14.85 -23.80
CA MET C 155 -22.32 -16.09 -23.38
C MET C 155 -21.34 -15.81 -22.24
N ILE C 156 -21.92 -15.62 -21.05
CA ILE C 156 -21.24 -15.28 -19.80
C ILE C 156 -21.20 -16.44 -18.85
N MET C 157 -20.04 -16.64 -18.20
CA MET C 157 -19.83 -17.60 -17.14
C MET C 157 -19.19 -16.83 -16.00
N THR C 158 -19.89 -16.71 -14.87
CA THR C 158 -19.37 -15.99 -13.72
C THR C 158 -19.25 -16.87 -12.47
N ALA C 159 -18.20 -16.59 -11.68
CA ALA C 159 -17.99 -17.19 -10.36
C ALA C 159 -18.32 -16.10 -9.31
N TRP C 160 -18.52 -14.85 -9.75
CA TRP C 160 -18.84 -13.76 -8.84
C TRP C 160 -20.30 -13.79 -8.40
N ASN C 161 -20.54 -14.54 -7.32
CA ASN C 161 -21.85 -14.63 -6.68
C ASN C 161 -21.77 -13.91 -5.32
N PRO C 162 -22.22 -12.62 -5.22
CA PRO C 162 -22.21 -11.89 -3.93
C PRO C 162 -22.80 -12.62 -2.72
N MET C 163 -23.80 -13.45 -2.92
CA MET C 163 -24.46 -14.20 -1.84
C MET C 163 -23.67 -15.38 -1.29
N ASP C 164 -22.73 -15.93 -2.08
CA ASP C 164 -21.93 -17.09 -1.69
C ASP C 164 -20.54 -16.74 -1.22
N LEU C 165 -20.07 -15.50 -1.43
CA LEU C 165 -18.71 -15.06 -1.07
C LEU C 165 -18.27 -15.44 0.35
N HIS C 166 -19.16 -15.24 1.35
CA HIS C 166 -18.89 -15.54 2.75
C HIS C 166 -18.70 -17.05 3.03
N LEU C 167 -19.25 -17.91 2.15
CA LEU C 167 -19.17 -19.37 2.23
C LEU C 167 -17.89 -19.93 1.60
N MET C 168 -17.21 -19.14 0.77
CA MET C 168 -15.99 -19.52 0.06
C MET C 168 -14.77 -19.31 0.94
N ALA C 169 -13.74 -20.18 0.75
CA ALA C 169 -12.46 -20.06 1.45
C ALA C 169 -11.80 -18.71 1.05
N LEU C 170 -11.95 -18.32 -0.24
CA LEU C 170 -11.45 -17.10 -0.83
C LEU C 170 -12.44 -16.61 -1.87
N PRO C 171 -12.59 -15.27 -2.06
CA PRO C 171 -13.48 -14.79 -3.13
C PRO C 171 -12.88 -15.04 -4.51
N PRO C 172 -13.68 -15.24 -5.58
CA PRO C 172 -13.09 -15.51 -6.91
C PRO C 172 -12.21 -14.40 -7.43
N CYS C 173 -11.12 -14.78 -8.09
CA CYS C 173 -10.15 -13.90 -8.71
C CYS C 173 -10.43 -13.76 -10.19
N HIS C 174 -10.33 -14.91 -10.92
CA HIS C 174 -10.69 -15.03 -12.33
C HIS C 174 -12.21 -15.21 -12.19
N MET C 175 -12.91 -14.11 -12.31
CA MET C 175 -14.31 -14.09 -11.92
C MET C 175 -15.35 -14.18 -13.00
N THR C 176 -15.11 -13.64 -14.18
CA THR C 176 -16.12 -13.65 -15.25
C THR C 176 -15.49 -13.83 -16.59
N ALA C 177 -16.01 -14.77 -17.36
CA ALA C 177 -15.54 -15.02 -18.71
C ALA C 177 -16.69 -14.83 -19.70
N GLN C 178 -16.36 -14.30 -20.88
CA GLN C 178 -17.29 -14.16 -21.98
C GLN C 178 -16.71 -14.88 -23.20
N PHE C 179 -17.60 -15.56 -23.94
CA PHE C 179 -17.29 -16.30 -25.16
C PHE C 179 -17.85 -15.57 -26.37
N TYR C 180 -17.18 -15.72 -27.50
CA TYR C 180 -17.50 -15.02 -28.74
C TYR C 180 -17.11 -15.87 -29.92
N VAL C 181 -17.90 -15.81 -31.00
CA VAL C 181 -17.64 -16.57 -32.24
C VAL C 181 -17.60 -15.65 -33.44
N ALA C 182 -16.57 -15.77 -34.27
CA ALA C 182 -16.44 -15.03 -35.53
C ALA C 182 -15.62 -15.85 -36.49
N ASN C 183 -16.13 -16.09 -37.72
CA ASN C 183 -15.48 -16.90 -38.77
C ASN C 183 -15.11 -18.31 -38.28
N GLY C 184 -16.07 -18.98 -37.64
CA GLY C 184 -15.89 -20.32 -37.08
C GLY C 184 -14.82 -20.42 -36.01
N GLU C 185 -14.47 -19.28 -35.36
CA GLU C 185 -13.44 -19.23 -34.30
C GLU C 185 -14.01 -18.83 -32.96
N LEU C 186 -13.64 -19.58 -31.91
CA LEU C 186 -14.09 -19.28 -30.56
C LEU C 186 -13.05 -18.41 -29.81
N SER C 187 -13.48 -17.25 -29.30
CA SER C 187 -12.63 -16.40 -28.50
C SER C 187 -13.20 -16.35 -27.08
N CYS C 188 -12.33 -16.03 -26.12
CA CYS C 188 -12.71 -15.93 -24.72
C CYS C 188 -12.04 -14.72 -24.12
N GLN C 189 -12.84 -13.92 -23.39
CA GLN C 189 -12.30 -12.83 -22.61
C GLN C 189 -12.56 -13.11 -21.15
N LEU C 190 -11.50 -13.11 -20.35
CA LEU C 190 -11.60 -13.23 -18.91
C LEU C 190 -11.42 -11.90 -18.22
N TYR C 191 -12.33 -11.59 -17.31
CA TYR C 191 -12.22 -10.43 -16.44
C TYR C 191 -11.71 -10.98 -15.12
N GLN C 192 -10.48 -10.57 -14.75
CA GLN C 192 -9.83 -11.00 -13.52
C GLN C 192 -9.61 -9.77 -12.65
N ARG C 193 -10.25 -9.71 -11.47
CA ARG C 193 -10.20 -8.53 -10.59
C ARG C 193 -8.85 -8.23 -9.97
N SER C 194 -8.03 -9.28 -9.83
CA SER C 194 -6.76 -9.21 -9.14
C SER C 194 -5.83 -10.23 -9.76
N GLY C 195 -4.62 -9.79 -10.08
CA GLY C 195 -3.64 -10.70 -10.63
C GLY C 195 -2.24 -10.52 -10.12
N ASP C 196 -1.71 -11.58 -9.51
CA ASP C 196 -0.31 -11.72 -9.06
C ASP C 196 0.46 -12.02 -10.37
N VAL C 197 1.05 -10.99 -10.98
CA VAL C 197 1.70 -11.10 -12.29
C VAL C 197 2.89 -12.07 -12.27
N GLY C 198 3.59 -12.16 -11.15
CA GLY C 198 4.71 -13.06 -11.02
C GLY C 198 4.39 -14.53 -10.82
N LEU C 199 3.24 -14.86 -10.20
CA LEU C 199 2.90 -16.24 -9.90
C LEU C 199 1.56 -16.72 -10.44
N GLY C 200 0.47 -16.04 -10.11
CA GLY C 200 -0.85 -16.48 -10.53
C GLY C 200 -1.19 -16.33 -11.99
N VAL C 201 -0.93 -15.15 -12.54
CA VAL C 201 -1.30 -14.72 -13.89
C VAL C 201 -0.77 -15.66 -14.99
N PRO C 202 0.53 -16.09 -15.02
CA PRO C 202 0.95 -17.09 -16.03
C PRO C 202 0.10 -18.37 -16.04
N PHE C 203 -0.32 -18.81 -14.85
CA PHE C 203 -1.15 -19.99 -14.63
C PHE C 203 -2.59 -19.76 -15.15
N ASN C 204 -3.18 -18.55 -14.89
CA ASN C 204 -4.52 -18.16 -15.37
C ASN C 204 -4.54 -18.10 -16.89
N ILE C 205 -3.47 -17.57 -17.50
CA ILE C 205 -3.34 -17.47 -18.96
C ILE C 205 -3.42 -18.86 -19.60
N ALA C 206 -2.61 -19.84 -19.11
CA ALA C 206 -2.58 -21.22 -19.63
C ALA C 206 -3.91 -21.92 -19.37
N SER C 207 -4.51 -21.68 -18.20
CA SER C 207 -5.79 -22.25 -17.76
C SER C 207 -6.97 -21.92 -18.67
N TYR C 208 -7.26 -20.61 -18.89
CA TYR C 208 -8.37 -20.17 -19.71
C TYR C 208 -8.14 -20.37 -21.20
N SER C 209 -6.86 -20.39 -21.62
CA SER C 209 -6.49 -20.70 -23.00
C SER C 209 -6.79 -22.17 -23.24
N LEU C 210 -6.50 -23.05 -22.23
CA LEU C 210 -6.80 -24.46 -22.33
C LEU C 210 -8.32 -24.68 -22.41
N LEU C 211 -9.08 -24.04 -21.53
CA LEU C 211 -10.55 -24.06 -21.51
C LEU C 211 -11.14 -23.68 -22.87
N THR C 212 -10.58 -22.63 -23.50
CA THR C 212 -11.05 -22.14 -24.81
C THR C 212 -10.85 -23.21 -25.87
N HIS C 213 -9.65 -23.82 -25.90
CA HIS C 213 -9.26 -24.94 -26.77
C HIS C 213 -10.21 -26.14 -26.56
N LEU C 214 -10.46 -26.55 -25.29
CA LEU C 214 -11.35 -27.68 -24.96
C LEU C 214 -12.80 -27.44 -25.35
N MET C 215 -13.31 -26.22 -25.08
CA MET C 215 -14.68 -25.83 -25.46
C MET C 215 -14.84 -25.83 -26.99
N ALA C 216 -13.80 -25.35 -27.73
CA ALA C 216 -13.77 -25.32 -29.21
C ALA C 216 -13.95 -26.70 -29.80
N SER C 217 -13.27 -27.73 -29.21
CA SER C 217 -13.34 -29.12 -29.66
C SER C 217 -14.71 -29.76 -29.37
N MET C 218 -15.37 -29.30 -28.29
CA MET C 218 -16.71 -29.80 -27.89
C MET C 218 -17.81 -29.38 -28.87
N VAL C 219 -17.64 -28.22 -29.57
CA VAL C 219 -18.69 -27.59 -30.39
C VAL C 219 -18.36 -27.43 -31.89
N GLY C 220 -17.27 -28.03 -32.35
CA GLY C 220 -16.89 -27.99 -33.76
C GLY C 220 -16.40 -26.64 -34.26
N LEU C 221 -15.76 -25.88 -33.37
CA LEU C 221 -15.20 -24.58 -33.70
C LEU C 221 -13.68 -24.65 -33.61
N LYS C 222 -12.99 -23.63 -34.12
CA LYS C 222 -11.53 -23.54 -34.03
C LYS C 222 -11.22 -22.52 -32.92
N PRO C 223 -10.15 -22.68 -32.14
CA PRO C 223 -9.82 -21.63 -31.15
C PRO C 223 -9.36 -20.34 -31.85
N GLY C 224 -9.72 -19.20 -31.27
CA GLY C 224 -9.40 -17.88 -31.81
C GLY C 224 -8.35 -17.14 -31.02
N GLU C 225 -8.81 -16.36 -30.04
CA GLU C 225 -8.01 -15.54 -29.15
C GLU C 225 -8.44 -15.72 -27.72
N PHE C 226 -7.49 -15.59 -26.79
CA PHE C 226 -7.76 -15.53 -25.36
C PHE C 226 -7.34 -14.12 -24.92
N ILE C 227 -8.28 -13.40 -24.31
CA ILE C 227 -8.07 -12.05 -23.83
C ILE C 227 -8.17 -12.04 -22.29
N LEU C 228 -7.08 -11.62 -21.65
CA LEU C 228 -7.05 -11.45 -20.20
C LEU C 228 -7.10 -9.97 -19.87
N THR C 229 -8.19 -9.56 -19.19
CA THR C 229 -8.37 -8.18 -18.74
C THR C 229 -8.23 -8.19 -17.22
N LEU C 230 -7.22 -7.46 -16.72
CA LEU C 230 -6.99 -7.41 -15.28
C LEU C 230 -7.56 -6.17 -14.60
N GLY C 231 -7.91 -6.31 -13.33
CA GLY C 231 -8.30 -5.21 -12.46
C GLY C 231 -7.00 -4.74 -11.82
N ASP C 232 -6.76 -5.12 -10.56
CA ASP C 232 -5.50 -4.79 -9.89
C ASP C 232 -4.40 -5.83 -10.32
N ALA C 233 -3.52 -5.42 -11.26
CA ALA C 233 -2.39 -6.20 -11.75
C ALA C 233 -1.18 -5.76 -10.91
N HIS C 234 -0.58 -6.67 -10.14
CA HIS C 234 0.49 -6.30 -9.24
C HIS C 234 1.63 -7.30 -9.21
N ILE C 235 2.78 -6.83 -8.74
CA ILE C 235 3.99 -7.60 -8.48
C ILE C 235 4.25 -7.50 -6.98
N TYR C 236 4.42 -8.63 -6.28
CA TYR C 236 4.78 -8.61 -4.87
C TYR C 236 6.25 -8.21 -4.74
N ASN C 237 6.58 -7.40 -3.73
CA ASN C 237 7.92 -6.91 -3.51
C ASN C 237 8.98 -8.03 -3.37
N THR C 238 8.53 -9.21 -2.91
CA THR C 238 9.38 -10.40 -2.79
C THR C 238 9.75 -11.03 -4.17
N HIS C 239 9.00 -10.69 -5.23
CA HIS C 239 9.21 -11.24 -6.58
C HIS C 239 10.00 -10.32 -7.52
N ILE C 240 10.28 -9.06 -7.13
CA ILE C 240 10.93 -8.07 -8.00
C ILE C 240 12.24 -8.59 -8.63
N GLU C 241 13.16 -9.12 -7.81
CA GLU C 241 14.45 -9.62 -8.31
C GLU C 241 14.32 -10.80 -9.28
N VAL C 242 13.46 -11.80 -8.98
CA VAL C 242 13.25 -12.97 -9.85
C VAL C 242 12.64 -12.55 -11.20
N LEU C 243 11.70 -11.59 -11.17
CA LEU C 243 11.04 -11.03 -12.35
C LEU C 243 12.02 -10.23 -13.23
N LYS C 244 12.93 -9.45 -12.61
CA LYS C 244 13.97 -8.69 -13.32
C LYS C 244 14.88 -9.63 -14.12
N LYS C 245 15.20 -10.82 -13.53
CA LYS C 245 15.99 -11.87 -14.17
C LYS C 245 15.22 -12.50 -15.34
N GLN C 246 13.90 -12.76 -15.17
CA GLN C 246 13.03 -13.35 -16.20
C GLN C 246 12.93 -12.45 -17.42
N LEU C 247 12.99 -11.11 -17.21
CA LEU C 247 12.92 -10.10 -18.27
C LEU C 247 14.10 -10.19 -19.25
N CYS C 248 15.24 -10.78 -18.81
CA CYS C 248 16.42 -10.94 -19.65
C CYS C 248 16.34 -12.17 -20.55
N ARG C 249 15.37 -13.07 -20.29
CA ARG C 249 15.16 -14.29 -21.06
C ARG C 249 14.44 -13.97 -22.37
N VAL C 250 14.99 -14.49 -23.48
CA VAL C 250 14.40 -14.33 -24.82
C VAL C 250 13.28 -15.38 -24.99
N PRO C 251 12.01 -14.99 -25.24
CA PRO C 251 10.96 -16.01 -25.40
C PRO C 251 11.23 -16.95 -26.58
N ARG C 252 10.83 -18.22 -26.42
CA ARG C 252 10.91 -19.23 -27.47
C ARG C 252 9.46 -19.29 -28.03
N PRO C 253 9.19 -19.83 -29.25
CA PRO C 253 7.77 -19.92 -29.69
C PRO C 253 6.91 -20.73 -28.71
N PHE C 254 5.64 -20.32 -28.56
CA PHE C 254 4.69 -20.99 -27.68
C PHE C 254 4.47 -22.44 -28.08
N PRO C 255 4.16 -23.35 -27.13
CA PRO C 255 3.87 -24.75 -27.54
C PRO C 255 2.54 -24.85 -28.31
N LYS C 256 2.24 -26.06 -28.79
CA LYS C 256 0.98 -26.29 -29.47
C LYS C 256 0.19 -27.31 -28.65
N LEU C 257 -1.14 -27.17 -28.61
CA LEU C 257 -1.97 -28.14 -27.90
C LEU C 257 -2.48 -29.16 -28.90
N ARG C 258 -2.27 -30.46 -28.58
CA ARG C 258 -2.76 -31.54 -29.42
C ARG C 258 -3.86 -32.24 -28.64
N ILE C 259 -5.09 -32.23 -29.18
CA ILE C 259 -6.26 -32.89 -28.58
C ILE C 259 -6.46 -34.21 -29.31
N LEU C 260 -6.40 -35.33 -28.59
CA LEU C 260 -6.56 -36.67 -29.16
C LEU C 260 -8.01 -37.04 -29.38
N MET C 261 -8.89 -36.57 -28.50
CA MET C 261 -10.32 -36.82 -28.51
C MET C 261 -11.03 -35.82 -27.62
N ALA C 262 -12.34 -35.66 -27.84
CA ALA C 262 -13.23 -34.82 -27.03
C ALA C 262 -14.36 -35.75 -26.54
N PRO C 263 -14.64 -35.86 -25.23
CA PRO C 263 -15.73 -36.77 -24.80
C PRO C 263 -17.11 -36.13 -25.05
N GLU C 264 -18.19 -36.89 -24.83
CA GLU C 264 -19.57 -36.41 -25.00
C GLU C 264 -19.87 -35.19 -24.08
N LYS C 265 -19.38 -35.26 -22.82
CA LYS C 265 -19.55 -34.22 -21.80
C LYS C 265 -18.18 -33.62 -21.43
N ILE C 266 -18.07 -32.30 -21.36
CA ILE C 266 -16.82 -31.58 -21.07
C ILE C 266 -16.18 -31.99 -19.73
N GLU C 267 -17.00 -32.37 -18.71
CA GLU C 267 -16.52 -32.77 -17.39
C GLU C 267 -15.80 -34.12 -17.40
N ASP C 268 -15.89 -34.87 -18.51
CA ASP C 268 -15.28 -36.19 -18.71
C ASP C 268 -13.91 -36.08 -19.43
N PHE C 269 -13.38 -34.85 -19.60
CA PHE C 269 -12.05 -34.66 -20.18
C PHE C 269 -11.02 -35.06 -19.10
N THR C 270 -9.99 -35.80 -19.50
CA THR C 270 -8.88 -36.21 -18.64
C THR C 270 -7.61 -35.68 -19.28
N ILE C 271 -6.54 -35.54 -18.47
CA ILE C 271 -5.20 -35.08 -18.89
C ILE C 271 -4.67 -35.93 -20.06
N ASP C 272 -5.07 -37.20 -20.13
CA ASP C 272 -4.63 -38.15 -21.16
C ASP C 272 -5.17 -37.87 -22.58
N MET C 273 -6.24 -37.04 -22.68
CA MET C 273 -6.91 -36.73 -23.93
C MET C 273 -6.27 -35.63 -24.75
N PHE C 274 -5.25 -34.96 -24.19
CA PHE C 274 -4.56 -33.85 -24.85
C PHE C 274 -3.17 -33.69 -24.24
N TYR C 275 -2.26 -32.98 -24.92
CA TYR C 275 -0.90 -32.75 -24.44
C TYR C 275 -0.24 -31.54 -25.12
N LEU C 276 0.85 -31.03 -24.50
CA LEU C 276 1.66 -29.94 -25.05
C LEU C 276 2.70 -30.47 -26.00
N GLU C 277 2.76 -29.90 -27.20
CA GLU C 277 3.76 -30.25 -28.20
C GLU C 277 4.78 -29.12 -28.37
N GLY C 278 6.04 -29.45 -28.24
CA GLY C 278 7.16 -28.52 -28.40
C GLY C 278 7.28 -27.47 -27.32
N TYR C 279 6.96 -27.83 -26.06
CA TYR C 279 7.09 -26.92 -24.92
C TYR C 279 8.55 -26.90 -24.46
N GLN C 280 9.24 -25.78 -24.73
CA GLN C 280 10.66 -25.56 -24.41
C GLN C 280 10.85 -24.38 -23.45
N PRO C 281 10.53 -24.51 -22.14
CA PRO C 281 10.75 -23.37 -21.24
C PRO C 281 12.22 -23.19 -20.85
N HIS C 282 12.61 -22.00 -20.36
CA HIS C 282 13.97 -21.70 -19.89
C HIS C 282 14.20 -22.40 -18.54
N SER C 283 15.38 -23.04 -18.40
CA SER C 283 15.79 -23.75 -17.18
C SER C 283 16.60 -22.84 -16.27
N GLY D 6 -7.83 10.72 -26.01
CA GLY D 6 -9.05 10.80 -25.21
C GLY D 6 -10.28 10.43 -26.01
N GLU D 7 -10.85 11.38 -26.77
CA GLU D 7 -12.00 11.09 -27.64
C GLU D 7 -11.50 10.37 -28.88
N HIS D 8 -10.20 10.55 -29.21
CA HIS D 8 -9.56 9.82 -30.30
C HIS D 8 -9.57 8.30 -30.03
N GLN D 9 -9.66 7.86 -28.73
CA GLN D 9 -9.81 6.46 -28.31
C GLN D 9 -11.08 5.98 -29.02
N TYR D 10 -12.22 6.69 -28.74
CA TYR D 10 -13.54 6.37 -29.28
C TYR D 10 -13.56 6.37 -30.82
N LEU D 11 -13.00 7.43 -31.43
CA LEU D 11 -12.94 7.56 -32.88
C LEU D 11 -12.14 6.46 -33.53
N ASN D 12 -10.99 6.06 -32.91
CA ASN D 12 -10.14 4.94 -33.37
C ASN D 12 -10.84 3.59 -33.25
N LEU D 13 -11.68 3.43 -32.22
CA LEU D 13 -12.50 2.22 -32.07
C LEU D 13 -13.52 2.13 -33.22
N VAL D 14 -14.21 3.25 -33.55
CA VAL D 14 -15.17 3.32 -34.67
C VAL D 14 -14.45 2.88 -35.96
N ARG D 15 -13.29 3.50 -36.27
CA ARG D 15 -12.39 3.23 -37.41
C ARG D 15 -12.00 1.74 -37.46
N GLU D 16 -11.55 1.19 -36.31
CA GLU D 16 -11.15 -0.23 -36.20
C GLU D 16 -12.30 -1.19 -36.52
N ILE D 17 -13.51 -0.95 -35.98
CA ILE D 17 -14.68 -1.81 -36.30
C ILE D 17 -15.05 -1.72 -37.79
N LEU D 18 -15.03 -0.50 -38.36
CA LEU D 18 -15.34 -0.32 -39.79
C LEU D 18 -14.32 -1.01 -40.71
N GLU D 19 -13.04 -0.97 -40.34
CA GLU D 19 -11.95 -1.53 -41.14
C GLU D 19 -11.70 -3.02 -40.92
N ARG D 20 -11.75 -3.48 -39.66
CA ARG D 20 -11.43 -4.87 -39.30
C ARG D 20 -12.59 -5.70 -38.75
N GLY D 21 -13.74 -5.08 -38.49
CA GLY D 21 -14.91 -5.77 -37.96
C GLY D 21 -15.42 -6.87 -38.86
N VAL D 22 -15.94 -7.96 -38.27
CA VAL D 22 -16.49 -9.09 -39.03
C VAL D 22 -17.98 -8.88 -39.21
N LYS D 23 -18.54 -9.34 -40.34
CA LYS D 23 -19.98 -9.29 -40.59
C LYS D 23 -20.62 -10.34 -39.67
N LYS D 24 -21.44 -9.89 -38.73
CA LYS D 24 -22.10 -10.71 -37.72
C LYS D 24 -23.56 -10.28 -37.63
N ASP D 25 -24.53 -11.22 -37.59
CA ASP D 25 -25.95 -10.86 -37.46
C ASP D 25 -26.46 -10.97 -36.01
N ASP D 26 -27.12 -9.91 -35.50
CA ASP D 26 -27.66 -9.80 -34.14
C ASP D 26 -28.98 -10.63 -33.95
N ARG D 27 -29.60 -10.55 -32.73
CA ARG D 27 -30.85 -11.19 -32.30
C ARG D 27 -32.03 -11.22 -33.31
N THR D 28 -32.19 -10.16 -34.13
CA THR D 28 -33.30 -10.05 -35.11
C THR D 28 -32.85 -10.19 -36.59
N GLY D 29 -31.58 -10.56 -36.80
CA GLY D 29 -31.00 -10.70 -38.13
C GLY D 29 -30.38 -9.41 -38.67
N THR D 30 -30.53 -8.27 -37.90
CA THR D 30 -29.96 -6.94 -38.22
C THR D 30 -28.44 -7.09 -38.12
N GLY D 31 -27.79 -6.82 -39.23
CA GLY D 31 -26.34 -6.99 -39.36
C GLY D 31 -25.50 -5.99 -38.63
N THR D 32 -24.32 -6.44 -38.18
CA THR D 32 -23.32 -5.61 -37.50
C THR D 32 -21.93 -5.90 -38.06
N LEU D 33 -20.99 -4.99 -37.78
CA LEU D 33 -19.56 -5.18 -37.99
C LEU D 33 -19.10 -5.31 -36.55
N SER D 34 -18.33 -6.34 -36.23
CA SER D 34 -18.01 -6.66 -34.85
C SER D 34 -16.55 -7.03 -34.58
N ILE D 35 -16.03 -6.63 -33.41
CA ILE D 35 -14.72 -7.00 -32.87
C ILE D 35 -14.92 -7.39 -31.37
N PHE D 36 -14.04 -8.24 -30.85
CA PHE D 36 -14.13 -8.68 -29.48
C PHE D 36 -12.99 -8.17 -28.63
N GLY D 37 -13.32 -7.75 -27.41
CA GLY D 37 -12.36 -7.34 -26.40
C GLY D 37 -11.69 -5.98 -26.47
N PRO D 38 -12.17 -4.94 -27.20
CA PRO D 38 -11.45 -3.66 -27.18
C PRO D 38 -11.62 -2.92 -25.85
N GLN D 39 -10.61 -2.15 -25.51
CA GLN D 39 -10.56 -1.37 -24.29
C GLN D 39 -10.29 0.10 -24.61
N MET D 40 -10.92 1.00 -23.84
CA MET D 40 -10.73 2.45 -23.94
C MET D 40 -10.49 2.98 -22.53
N ARG D 41 -9.55 3.93 -22.39
CA ARG D 41 -9.17 4.56 -21.12
C ARG D 41 -9.37 6.06 -21.20
N PHE D 42 -10.09 6.63 -20.22
CA PHE D 42 -10.35 8.08 -20.17
C PHE D 42 -9.86 8.68 -18.88
N SER D 43 -9.02 9.70 -18.98
CA SER D 43 -8.55 10.44 -17.82
C SER D 43 -9.71 11.32 -17.30
N LEU D 44 -9.91 11.29 -15.98
CA LEU D 44 -10.93 12.07 -15.27
C LEU D 44 -10.25 13.17 -14.46
N ARG D 45 -8.95 13.33 -14.72
CA ARG D 45 -8.10 14.33 -14.09
C ARG D 45 -8.48 15.72 -14.48
N ASP D 46 -8.12 16.70 -13.62
CA ASP D 46 -8.41 18.13 -13.81
C ASP D 46 -9.89 18.37 -14.09
N ASP D 47 -10.77 17.58 -13.42
CA ASP D 47 -12.25 17.64 -13.48
C ASP D 47 -12.87 17.20 -14.81
N THR D 48 -12.07 16.62 -15.70
CA THR D 48 -12.49 16.14 -17.02
C THR D 48 -13.50 15.00 -16.91
N ILE D 49 -14.54 15.07 -17.77
CA ILE D 49 -15.53 14.03 -17.89
C ILE D 49 -15.67 13.71 -19.38
N PRO D 50 -15.43 12.43 -19.80
CA PRO D 50 -15.49 12.11 -21.24
C PRO D 50 -16.89 12.08 -21.86
N VAL D 51 -17.46 13.26 -22.07
CA VAL D 51 -18.76 13.42 -22.73
C VAL D 51 -18.37 13.80 -24.17
N LEU D 52 -18.63 12.91 -25.15
CA LEU D 52 -18.22 13.12 -26.56
C LEU D 52 -18.59 14.47 -27.11
N THR D 53 -17.66 15.07 -27.88
CA THR D 53 -17.85 16.37 -28.54
C THR D 53 -18.15 16.20 -30.03
N THR D 54 -17.82 15.02 -30.65
CA THR D 54 -18.06 14.76 -32.08
C THR D 54 -19.55 14.40 -32.36
N LYS D 55 -20.33 14.22 -31.29
CA LYS D 55 -21.75 13.91 -31.32
C LYS D 55 -22.35 14.48 -30.02
N LYS D 56 -23.52 15.17 -30.09
CA LYS D 56 -24.14 15.71 -28.87
C LYS D 56 -24.73 14.58 -28.02
N ILE D 57 -24.28 14.47 -26.76
CA ILE D 57 -24.76 13.47 -25.81
C ILE D 57 -25.91 14.06 -25.02
N PHE D 58 -26.97 13.27 -24.77
CA PHE D 58 -28.12 13.69 -23.97
C PHE D 58 -27.71 13.63 -22.48
N TRP D 59 -26.96 14.65 -22.02
CA TRP D 59 -26.44 14.73 -20.65
C TRP D 59 -27.51 14.58 -19.57
N ARG D 60 -28.66 15.26 -19.72
CA ARG D 60 -29.76 15.18 -18.76
C ARG D 60 -30.27 13.73 -18.61
N GLY D 61 -30.29 13.00 -19.74
CA GLY D 61 -30.68 11.58 -19.78
C GLY D 61 -29.66 10.71 -19.06
N VAL D 62 -28.37 10.98 -19.30
CA VAL D 62 -27.25 10.29 -18.64
C VAL D 62 -27.41 10.42 -17.10
N VAL D 63 -27.58 11.68 -16.61
CA VAL D 63 -27.72 12.01 -15.20
C VAL D 63 -28.93 11.34 -14.57
N GLU D 64 -30.13 11.56 -15.13
CA GLU D 64 -31.36 11.01 -14.56
C GLU D 64 -31.37 9.48 -14.56
N GLU D 65 -30.83 8.82 -15.62
CA GLU D 65 -30.74 7.36 -15.63
C GLU D 65 -29.81 6.84 -14.54
N LEU D 66 -28.64 7.49 -14.36
CA LEU D 66 -27.68 7.12 -13.31
C LEU D 66 -28.24 7.26 -11.88
N LEU D 67 -28.88 8.39 -11.57
CA LEU D 67 -29.48 8.69 -10.25
C LEU D 67 -30.57 7.66 -9.92
N TRP D 68 -31.32 7.27 -10.95
CA TRP D 68 -32.38 6.27 -10.89
C TRP D 68 -31.75 4.87 -10.60
N PHE D 69 -30.57 4.56 -11.21
CA PHE D 69 -29.79 3.33 -10.93
C PHE D 69 -29.29 3.36 -9.47
N ILE D 70 -28.63 4.48 -9.07
CA ILE D 70 -28.10 4.67 -7.71
C ILE D 70 -29.20 4.50 -6.64
N ARG D 71 -30.44 4.97 -6.89
CA ARG D 71 -31.56 4.81 -5.96
C ARG D 71 -32.06 3.34 -5.91
N GLY D 72 -31.69 2.54 -6.89
CA GLY D 72 -32.08 1.14 -7.03
C GLY D 72 -33.44 0.99 -7.68
N ASN D 73 -33.89 2.05 -8.36
CA ASN D 73 -35.19 2.14 -9.04
C ASN D 73 -35.18 1.41 -10.37
N THR D 74 -36.34 0.82 -10.71
CA THR D 74 -36.56 -0.03 -11.90
C THR D 74 -37.86 0.31 -12.64
N ASP D 75 -38.52 1.41 -12.24
CA ASP D 75 -39.77 1.88 -12.84
C ASP D 75 -39.45 2.89 -13.94
N ALA D 76 -39.69 2.52 -15.21
CA ALA D 76 -39.48 3.41 -16.38
C ALA D 76 -40.42 4.62 -16.31
N LYS D 77 -41.59 4.49 -15.65
CA LYS D 77 -42.57 5.57 -15.47
C LYS D 77 -41.97 6.69 -14.60
N GLU D 78 -41.07 6.35 -13.66
CA GLU D 78 -40.39 7.35 -12.81
C GLU D 78 -39.42 8.21 -13.62
N LEU D 79 -38.82 7.62 -14.68
CA LEU D 79 -37.94 8.34 -15.60
C LEU D 79 -38.78 9.17 -16.55
N ALA D 80 -39.91 8.59 -17.04
CA ALA D 80 -40.86 9.22 -17.97
C ALA D 80 -41.43 10.54 -17.39
N LYS D 81 -41.61 10.58 -16.05
CA LYS D 81 -42.07 11.72 -15.25
C LYS D 81 -41.09 12.89 -15.36
N LYS D 82 -39.77 12.57 -15.48
CA LYS D 82 -38.65 13.51 -15.63
C LYS D 82 -38.35 13.81 -17.11
N LYS D 83 -39.26 13.41 -18.02
CA LYS D 83 -39.16 13.60 -19.48
C LYS D 83 -37.93 12.89 -20.09
N ILE D 84 -37.59 11.71 -19.52
CA ILE D 84 -36.54 10.80 -19.99
C ILE D 84 -37.32 9.56 -20.40
N HIS D 85 -37.38 9.29 -21.71
CA HIS D 85 -38.21 8.22 -22.29
C HIS D 85 -37.43 7.06 -22.90
N ILE D 86 -36.11 7.01 -22.62
CA ILE D 86 -35.17 6.02 -23.13
C ILE D 86 -35.50 4.56 -22.71
N TRP D 87 -36.22 4.37 -21.60
CA TRP D 87 -36.59 3.06 -21.07
C TRP D 87 -38.03 2.65 -21.27
N ASN D 88 -38.87 3.57 -21.80
CA ASN D 88 -40.30 3.37 -22.01
C ASN D 88 -40.63 2.19 -22.92
N ALA D 89 -39.88 2.03 -24.03
CA ALA D 89 -40.08 0.95 -25.01
C ALA D 89 -39.92 -0.45 -24.41
N ASN D 90 -38.87 -0.66 -23.58
CA ASN D 90 -38.60 -1.95 -22.94
C ASN D 90 -39.51 -2.22 -21.73
N GLY D 91 -40.26 -1.21 -21.32
CA GLY D 91 -41.23 -1.30 -20.24
C GLY D 91 -42.65 -1.41 -20.76
N SER D 92 -42.85 -1.34 -22.10
CA SER D 92 -44.16 -1.40 -22.74
C SER D 92 -44.82 -2.77 -22.58
N ARG D 93 -46.17 -2.79 -22.57
CA ARG D 93 -47.01 -3.99 -22.45
C ARG D 93 -46.59 -5.04 -23.47
N GLU D 94 -46.37 -4.61 -24.73
CA GLU D 94 -45.96 -5.45 -25.87
C GLU D 94 -44.61 -6.10 -25.65
N PHE D 95 -43.61 -5.31 -25.19
CA PHE D 95 -42.28 -5.83 -24.93
C PHE D 95 -42.23 -6.81 -23.72
N LEU D 96 -42.93 -6.46 -22.60
CA LEU D 96 -43.02 -7.29 -21.40
C LEU D 96 -43.65 -8.65 -21.71
N ASP D 97 -44.75 -8.66 -22.50
CA ASP D 97 -45.43 -9.88 -22.94
C ASP D 97 -44.47 -10.74 -23.80
N SER D 98 -43.71 -10.11 -24.71
CA SER D 98 -42.73 -10.79 -25.58
C SER D 98 -41.64 -11.53 -24.78
N ARG D 99 -41.36 -11.05 -23.56
CA ARG D 99 -40.39 -11.64 -22.63
C ARG D 99 -41.07 -12.64 -21.67
N GLY D 100 -42.39 -12.79 -21.78
CA GLY D 100 -43.18 -13.70 -20.96
C GLY D 100 -43.60 -13.14 -19.61
N LEU D 101 -43.53 -11.80 -19.46
CA LEU D 101 -43.86 -11.10 -18.23
C LEU D 101 -45.26 -10.49 -18.37
N TYR D 102 -46.27 -11.38 -18.44
CA TYR D 102 -47.68 -11.02 -18.60
C TYR D 102 -48.28 -10.39 -17.34
N ASP D 103 -47.87 -10.87 -16.15
CA ASP D 103 -48.35 -10.37 -14.85
C ASP D 103 -47.69 -9.03 -14.48
N ARG D 104 -46.55 -8.72 -15.12
CA ARG D 104 -45.76 -7.50 -14.93
C ARG D 104 -46.49 -6.25 -15.42
N ALA D 105 -46.61 -5.24 -14.54
CA ALA D 105 -47.25 -3.95 -14.86
C ALA D 105 -46.38 -3.15 -15.85
N GLU D 106 -47.02 -2.30 -16.67
CA GLU D 106 -46.34 -1.45 -17.66
C GLU D 106 -45.34 -0.51 -16.99
N GLY D 107 -44.11 -0.49 -17.51
CA GLY D 107 -43.00 0.32 -17.02
C GLY D 107 -42.13 -0.40 -15.99
N ASP D 108 -42.61 -1.53 -15.45
CA ASP D 108 -41.87 -2.31 -14.47
C ASP D 108 -40.88 -3.24 -15.18
N LEU D 109 -39.62 -2.80 -15.22
CA LEU D 109 -38.53 -3.47 -15.94
C LEU D 109 -37.96 -4.70 -15.27
N GLY D 110 -38.35 -4.96 -14.02
CA GLY D 110 -37.85 -6.09 -13.27
C GLY D 110 -36.59 -5.74 -12.51
N PRO D 111 -35.85 -6.75 -11.98
CA PRO D 111 -34.66 -6.45 -11.18
C PRO D 111 -33.42 -6.06 -11.99
N VAL D 112 -33.53 -5.02 -12.84
CA VAL D 112 -32.47 -4.52 -13.69
C VAL D 112 -31.47 -3.67 -12.89
N TYR D 113 -30.31 -3.38 -13.49
CA TYR D 113 -29.15 -2.62 -13.04
C TYR D 113 -29.15 -2.18 -11.56
N GLY D 114 -29.68 -0.98 -11.27
CA GLY D 114 -29.74 -0.38 -9.95
C GLY D 114 -30.27 -1.25 -8.83
N PHE D 115 -31.30 -2.07 -9.13
CA PHE D 115 -31.83 -3.02 -8.15
C PHE D 115 -30.72 -4.01 -7.75
N GLN D 116 -29.91 -4.48 -8.71
CA GLN D 116 -28.78 -5.39 -8.42
C GLN D 116 -27.66 -4.68 -7.65
N TRP D 117 -27.43 -3.38 -7.96
CA TRP D 117 -26.39 -2.58 -7.29
C TRP D 117 -26.65 -2.41 -5.81
N ARG D 118 -27.93 -2.15 -5.46
CA ARG D 118 -28.37 -1.86 -4.09
C ARG D 118 -29.00 -3.02 -3.36
N HIS D 119 -29.56 -3.99 -4.10
CA HIS D 119 -30.31 -5.11 -3.50
C HIS D 119 -29.99 -6.47 -4.10
N PHE D 120 -28.72 -6.74 -4.46
CA PHE D 120 -28.38 -8.04 -5.06
C PHE D 120 -28.90 -9.22 -4.22
N GLY D 121 -29.60 -10.16 -4.86
CA GLY D 121 -30.12 -11.36 -4.19
C GLY D 121 -31.46 -11.24 -3.51
N ALA D 122 -32.02 -10.00 -3.42
CA ALA D 122 -33.34 -9.78 -2.82
C ALA D 122 -34.41 -10.33 -3.79
N GLU D 123 -35.52 -10.77 -3.22
CA GLU D 123 -36.65 -11.28 -3.97
C GLU D 123 -37.40 -10.08 -4.56
N TYR D 124 -37.60 -10.07 -5.87
CA TYR D 124 -38.30 -8.99 -6.55
C TYR D 124 -39.79 -9.18 -6.47
N ASP D 125 -40.52 -8.08 -6.26
CA ASP D 125 -41.98 -8.11 -6.22
C ASP D 125 -42.44 -7.18 -7.35
N THR D 126 -42.47 -5.86 -7.12
CA THR D 126 -42.79 -4.83 -8.11
C THR D 126 -41.75 -3.71 -8.00
N CYS D 127 -41.75 -2.76 -8.95
CA CYS D 127 -40.84 -1.60 -8.95
C CYS D 127 -41.16 -0.63 -7.79
N SER D 128 -42.43 -0.62 -7.35
CA SER D 128 -42.99 0.20 -6.28
C SER D 128 -42.69 -0.34 -4.87
N SER D 129 -42.26 -1.60 -4.76
CA SER D 129 -42.00 -2.28 -3.49
C SER D 129 -40.88 -1.64 -2.66
N ASP D 130 -40.98 -1.85 -1.33
CA ASP D 130 -40.02 -1.36 -0.35
C ASP D 130 -38.92 -2.41 -0.21
N TYR D 131 -37.71 -2.04 -0.66
CA TYR D 131 -36.53 -2.88 -0.66
C TYR D 131 -35.49 -2.43 0.38
N THR D 132 -35.87 -1.52 1.30
CA THR D 132 -35.00 -1.02 2.38
C THR D 132 -34.45 -2.21 3.19
N GLY D 133 -33.13 -2.34 3.19
CA GLY D 133 -32.41 -3.41 3.87
C GLY D 133 -32.53 -4.78 3.25
N LYS D 134 -33.00 -4.87 1.98
CA LYS D 134 -33.15 -6.15 1.27
C LYS D 134 -31.99 -6.35 0.29
N GLY D 135 -31.47 -7.57 0.25
CA GLY D 135 -30.36 -7.94 -0.61
C GLY D 135 -29.06 -7.31 -0.19
N ILE D 136 -28.04 -7.45 -1.02
CA ILE D 136 -26.68 -6.95 -0.79
C ILE D 136 -26.50 -5.59 -1.43
N ASP D 137 -26.20 -4.59 -0.60
CA ASP D 137 -25.94 -3.26 -1.08
C ASP D 137 -24.50 -3.15 -1.51
N GLN D 138 -24.21 -3.54 -2.75
CA GLN D 138 -22.86 -3.53 -3.32
C GLN D 138 -22.25 -2.13 -3.36
N LEU D 139 -23.06 -1.13 -3.77
CA LEU D 139 -22.60 0.25 -3.86
C LEU D 139 -22.22 0.82 -2.49
N ALA D 140 -23.07 0.65 -1.47
CA ALA D 140 -22.77 1.13 -0.11
C ALA D 140 -21.52 0.42 0.43
N ASN D 141 -21.37 -0.88 0.14
CA ASN D 141 -20.21 -1.68 0.55
C ASN D 141 -18.91 -1.17 -0.09
N ILE D 142 -18.95 -0.81 -1.39
CA ILE D 142 -17.78 -0.23 -2.07
C ILE D 142 -17.39 1.12 -1.41
N LEU D 143 -18.37 1.98 -1.11
CA LEU D 143 -18.11 3.29 -0.48
C LEU D 143 -17.45 3.15 0.88
N LYS D 144 -17.96 2.22 1.72
CA LYS D 144 -17.43 1.89 3.04
C LYS D 144 -15.98 1.41 2.92
N THR D 145 -15.66 0.53 1.93
CA THR D 145 -14.32 -0.04 1.68
C THR D 145 -13.38 1.08 1.18
N LEU D 146 -13.87 2.01 0.36
CA LEU D 146 -13.09 3.16 -0.11
C LEU D 146 -12.67 4.06 1.06
N ARG D 147 -13.51 4.17 2.10
CA ARG D 147 -13.26 4.97 3.29
C ARG D 147 -12.35 4.27 4.27
N GLU D 148 -12.51 2.94 4.43
CA GLU D 148 -11.80 2.15 5.46
C GLU D 148 -10.58 1.35 4.98
N ASN D 149 -10.62 0.81 3.76
CA ASN D 149 -9.57 -0.07 3.22
C ASN D 149 -9.49 0.13 1.69
N PRO D 150 -9.02 1.32 1.24
CA PRO D 150 -9.06 1.61 -0.22
C PRO D 150 -8.22 0.68 -1.09
N ASP D 151 -7.21 0.00 -0.51
CA ASP D 151 -6.36 -0.94 -1.24
C ASP D 151 -7.01 -2.29 -1.55
N ASP D 152 -8.22 -2.51 -1.04
CA ASP D 152 -9.00 -3.73 -1.26
C ASP D 152 -9.13 -4.04 -2.76
N ARG D 153 -8.86 -5.31 -3.14
CA ARG D 153 -8.92 -5.76 -4.54
C ARG D 153 -10.23 -6.48 -4.90
N ARG D 154 -11.27 -6.30 -4.06
CA ARG D 154 -12.60 -6.92 -4.23
C ARG D 154 -13.72 -5.83 -4.32
N MET D 155 -13.40 -4.59 -4.72
CA MET D 155 -14.46 -3.57 -4.84
C MET D 155 -15.22 -3.70 -6.18
N ILE D 156 -16.08 -4.71 -6.21
CA ILE D 156 -16.89 -5.15 -7.35
C ILE D 156 -18.33 -4.84 -7.13
N MET D 157 -18.98 -4.35 -8.22
CA MET D 157 -20.40 -4.10 -8.29
C MET D 157 -20.87 -4.78 -9.56
N THR D 158 -21.75 -5.77 -9.42
CA THR D 158 -22.27 -6.49 -10.57
C THR D 158 -23.80 -6.40 -10.69
N ALA D 159 -24.27 -6.36 -11.95
CA ALA D 159 -25.69 -6.45 -12.28
C ALA D 159 -25.92 -7.86 -12.88
N TRP D 160 -24.82 -8.61 -13.14
CA TRP D 160 -24.94 -9.95 -13.71
C TRP D 160 -25.33 -10.98 -12.68
N ASN D 161 -26.65 -11.14 -12.51
CA ASN D 161 -27.24 -12.14 -11.61
C ASN D 161 -27.94 -13.21 -12.48
N PRO D 162 -27.28 -14.37 -12.74
CA PRO D 162 -27.91 -15.45 -13.53
C PRO D 162 -29.33 -15.86 -13.11
N MET D 163 -29.65 -15.78 -11.82
CA MET D 163 -30.96 -16.19 -11.30
C MET D 163 -32.10 -15.21 -11.58
N ASP D 164 -31.77 -13.93 -11.81
CA ASP D 164 -32.76 -12.88 -12.05
C ASP D 164 -32.95 -12.53 -13.50
N LEU D 165 -32.05 -12.99 -14.41
CA LEU D 165 -32.08 -12.65 -15.85
C LEU D 165 -33.46 -12.79 -16.51
N HIS D 166 -34.19 -13.89 -16.21
CA HIS D 166 -35.52 -14.17 -16.74
C HIS D 166 -36.58 -13.18 -16.29
N LEU D 167 -36.35 -12.50 -15.15
CA LEU D 167 -37.25 -11.50 -14.57
C LEU D 167 -37.03 -10.09 -15.15
N MET D 168 -35.88 -9.87 -15.77
CA MET D 168 -35.51 -8.57 -16.35
C MET D 168 -36.09 -8.38 -17.74
N ALA D 169 -36.42 -7.12 -18.09
CA ALA D 169 -36.92 -6.76 -19.41
C ALA D 169 -35.82 -7.08 -20.46
N LEU D 170 -34.55 -6.85 -20.08
CA LEU D 170 -33.35 -7.11 -20.88
C LEU D 170 -32.24 -7.56 -19.97
N PRO D 171 -31.33 -8.46 -20.41
CA PRO D 171 -30.21 -8.84 -19.53
C PRO D 171 -29.21 -7.66 -19.44
N PRO D 172 -28.47 -7.46 -18.33
CA PRO D 172 -27.55 -6.32 -18.25
C PRO D 172 -26.45 -6.34 -19.30
N CYS D 173 -26.13 -5.16 -19.79
CA CYS D 173 -25.10 -4.89 -20.78
C CYS D 173 -23.83 -4.45 -20.10
N HIS D 174 -23.89 -3.31 -19.40
CA HIS D 174 -22.82 -2.75 -18.57
C HIS D 174 -23.05 -3.58 -17.31
N MET D 175 -22.30 -4.65 -17.19
CA MET D 175 -22.61 -5.67 -16.20
C MET D 175 -21.78 -5.70 -14.95
N THR D 176 -20.50 -5.35 -15.01
CA THR D 176 -19.66 -5.42 -13.83
C THR D 176 -18.66 -4.30 -13.79
N ALA D 177 -18.57 -3.63 -12.66
CA ALA D 177 -17.61 -2.55 -12.45
C ALA D 177 -16.69 -2.88 -11.28
N GLN D 178 -15.43 -2.47 -11.39
CA GLN D 178 -14.44 -2.59 -10.32
C GLN D 178 -13.86 -1.21 -10.06
N PHE D 179 -13.63 -0.91 -8.76
CA PHE D 179 -13.06 0.32 -8.27
C PHE D 179 -11.65 0.08 -7.74
N TYR D 180 -10.81 1.12 -7.81
CA TYR D 180 -9.39 1.06 -7.46
C TYR D 180 -8.92 2.42 -7.00
N VAL D 181 -8.01 2.46 -6.03
CA VAL D 181 -7.44 3.71 -5.51
C VAL D 181 -5.91 3.72 -5.61
N ALA D 182 -5.32 4.82 -6.13
CA ALA D 182 -3.87 4.99 -6.15
C ALA D 182 -3.59 6.48 -6.12
N ASN D 183 -2.70 6.95 -5.20
CA ASN D 183 -2.30 8.37 -5.05
C ASN D 183 -3.49 9.32 -4.89
N GLY D 184 -4.42 8.96 -4.00
CA GLY D 184 -5.62 9.72 -3.76
C GLY D 184 -6.57 9.88 -4.94
N GLU D 185 -6.54 8.93 -5.88
CA GLU D 185 -7.40 8.96 -7.08
C GLU D 185 -8.22 7.71 -7.15
N LEU D 186 -9.50 7.86 -7.48
CA LEU D 186 -10.40 6.73 -7.66
C LEU D 186 -10.53 6.40 -9.16
N SER D 187 -10.25 5.13 -9.52
CA SER D 187 -10.42 4.65 -10.88
C SER D 187 -11.55 3.63 -10.92
N CYS D 188 -12.13 3.45 -12.10
CA CYS D 188 -13.22 2.52 -12.32
C CYS D 188 -13.00 1.81 -13.65
N GLN D 189 -13.20 0.49 -13.62
CA GLN D 189 -13.17 -0.31 -14.83
C GLN D 189 -14.52 -0.96 -14.97
N LEU D 190 -15.16 -0.72 -16.12
CA LEU D 190 -16.41 -1.37 -16.46
C LEU D 190 -16.21 -2.47 -17.47
N TYR D 191 -16.76 -3.64 -17.17
CA TYR D 191 -16.81 -4.74 -18.11
C TYR D 191 -18.20 -4.70 -18.72
N GLN D 192 -18.25 -4.43 -20.03
CA GLN D 192 -19.50 -4.36 -20.77
C GLN D 192 -19.51 -5.48 -21.84
N ARG D 193 -20.45 -6.45 -21.73
CA ARG D 193 -20.48 -7.62 -22.62
C ARG D 193 -20.81 -7.34 -24.07
N SER D 194 -21.51 -6.23 -24.29
CA SER D 194 -22.02 -5.85 -25.61
C SER D 194 -22.11 -4.35 -25.69
N GLY D 195 -21.59 -3.79 -26.78
CA GLY D 195 -21.65 -2.34 -26.94
C GLY D 195 -21.93 -1.87 -28.34
N ASP D 196 -23.04 -1.13 -28.51
CA ASP D 196 -23.42 -0.48 -29.77
C ASP D 196 -22.55 0.78 -29.75
N VAL D 197 -21.46 0.75 -30.49
CA VAL D 197 -20.50 1.83 -30.50
C VAL D 197 -21.11 3.16 -31.02
N GLY D 198 -22.07 3.06 -31.94
CA GLY D 198 -22.75 4.24 -32.48
C GLY D 198 -23.80 4.87 -31.58
N LEU D 199 -24.42 4.10 -30.67
CA LEU D 199 -25.50 4.61 -29.85
C LEU D 199 -25.34 4.51 -28.30
N GLY D 200 -25.33 3.31 -27.75
CA GLY D 200 -25.24 3.13 -26.31
C GLY D 200 -23.90 3.42 -25.65
N VAL D 201 -22.75 3.10 -26.33
CA VAL D 201 -21.39 3.21 -25.79
C VAL D 201 -21.05 4.65 -25.37
N PRO D 202 -21.27 5.70 -26.20
CA PRO D 202 -20.99 7.08 -25.73
C PRO D 202 -21.72 7.44 -24.41
N PHE D 203 -22.96 6.95 -24.27
CA PHE D 203 -23.80 7.17 -23.09
C PHE D 203 -23.25 6.41 -21.86
N ASN D 204 -22.77 5.14 -22.05
CA ASN D 204 -22.18 4.32 -21.00
C ASN D 204 -20.89 4.97 -20.48
N ILE D 205 -20.08 5.52 -21.41
CA ILE D 205 -18.83 6.22 -21.06
C ILE D 205 -19.12 7.41 -20.12
N ALA D 206 -20.07 8.30 -20.48
CA ALA D 206 -20.46 9.48 -19.67
C ALA D 206 -21.07 9.05 -18.33
N SER D 207 -21.89 7.98 -18.35
CA SER D 207 -22.57 7.43 -17.19
C SER D 207 -21.64 6.94 -16.07
N TYR D 208 -20.71 6.01 -16.39
CA TYR D 208 -19.77 5.45 -15.42
C TYR D 208 -18.68 6.41 -15.01
N SER D 209 -18.33 7.36 -15.90
CA SER D 209 -17.39 8.43 -15.60
C SER D 209 -18.04 9.35 -14.59
N LEU D 210 -19.35 9.63 -14.73
CA LEU D 210 -20.08 10.47 -13.79
C LEU D 210 -20.13 9.80 -12.41
N LEU D 211 -20.49 8.52 -12.34
CA LEU D 211 -20.52 7.73 -11.10
C LEU D 211 -19.17 7.78 -10.39
N THR D 212 -18.05 7.67 -11.12
CA THR D 212 -16.69 7.72 -10.55
C THR D 212 -16.44 9.08 -9.93
N HIS D 213 -16.82 10.15 -10.63
CA HIS D 213 -16.74 11.51 -10.12
C HIS D 213 -17.56 11.65 -8.81
N LEU D 214 -18.80 11.16 -8.79
CA LEU D 214 -19.70 11.25 -7.64
C LEU D 214 -19.18 10.47 -6.45
N MET D 215 -18.79 9.23 -6.67
CA MET D 215 -18.22 8.38 -5.64
C MET D 215 -16.97 8.96 -5.01
N ALA D 216 -16.04 9.48 -5.83
CA ALA D 216 -14.77 10.08 -5.36
C ALA D 216 -14.98 11.23 -4.39
N SER D 217 -15.94 12.15 -4.71
CA SER D 217 -16.33 13.35 -3.95
C SER D 217 -16.88 13.00 -2.56
N MET D 218 -17.42 11.81 -2.42
CA MET D 218 -17.96 11.31 -1.15
C MET D 218 -16.92 10.70 -0.21
N VAL D 219 -15.79 10.22 -0.75
CA VAL D 219 -14.83 9.44 0.05
C VAL D 219 -13.43 10.08 0.19
N GLY D 220 -13.33 11.36 -0.15
CA GLY D 220 -12.11 12.14 0.01
C GLY D 220 -11.08 11.93 -1.07
N LEU D 221 -11.56 11.53 -2.25
CA LEU D 221 -10.67 11.26 -3.39
C LEU D 221 -10.99 12.15 -4.56
N LYS D 222 -10.05 12.26 -5.49
CA LYS D 222 -10.24 12.95 -6.76
C LYS D 222 -10.50 11.80 -7.81
N PRO D 223 -11.30 11.98 -8.89
CA PRO D 223 -11.42 10.88 -9.87
C PRO D 223 -10.10 10.69 -10.66
N GLY D 224 -9.81 9.45 -11.06
CA GLY D 224 -8.60 9.10 -11.76
C GLY D 224 -8.82 8.83 -13.22
N GLU D 225 -9.16 7.58 -13.52
CA GLU D 225 -9.41 7.09 -14.86
C GLU D 225 -10.71 6.28 -14.89
N PHE D 226 -11.40 6.29 -16.02
CA PHE D 226 -12.51 5.39 -16.30
C PHE D 226 -12.03 4.53 -17.44
N ILE D 227 -12.08 3.19 -17.26
CA ILE D 227 -11.68 2.20 -18.26
C ILE D 227 -12.92 1.44 -18.69
N LEU D 228 -13.21 1.46 -20.00
CA LEU D 228 -14.31 0.69 -20.56
C LEU D 228 -13.72 -0.49 -21.31
N THR D 229 -14.04 -1.70 -20.85
CA THR D 229 -13.62 -2.95 -21.52
C THR D 229 -14.84 -3.57 -22.14
N LEU D 230 -14.85 -3.68 -23.46
CA LEU D 230 -16.00 -4.26 -24.16
C LEU D 230 -15.82 -5.75 -24.52
N GLY D 231 -16.94 -6.46 -24.59
CA GLY D 231 -17.00 -7.84 -25.09
C GLY D 231 -17.23 -7.71 -26.57
N ASP D 232 -18.48 -7.89 -27.03
CA ASP D 232 -18.80 -7.67 -28.45
C ASP D 232 -19.04 -6.15 -28.70
N ALA D 233 -18.05 -5.48 -29.29
CA ALA D 233 -18.08 -4.07 -29.67
C ALA D 233 -18.49 -4.04 -31.14
N HIS D 234 -19.64 -3.42 -31.44
CA HIS D 234 -20.15 -3.46 -32.80
C HIS D 234 -20.78 -2.15 -33.34
N ILE D 235 -20.90 -2.09 -34.65
CA ILE D 235 -21.57 -1.01 -35.37
C ILE D 235 -22.70 -1.68 -36.18
N TYR D 236 -23.95 -1.18 -36.06
CA TYR D 236 -25.07 -1.67 -36.87
C TYR D 236 -24.89 -1.17 -38.29
N ASN D 237 -25.17 -2.02 -39.28
CA ASN D 237 -25.02 -1.70 -40.69
C ASN D 237 -25.76 -0.43 -41.11
N THR D 238 -26.85 -0.10 -40.40
CA THR D 238 -27.67 1.10 -40.62
C THR D 238 -26.95 2.38 -40.15
N HIS D 239 -25.95 2.28 -39.25
CA HIS D 239 -25.22 3.42 -38.70
C HIS D 239 -23.90 3.71 -39.43
N ILE D 240 -23.45 2.83 -40.34
CA ILE D 240 -22.14 2.91 -40.99
C ILE D 240 -21.87 4.31 -41.62
N GLU D 241 -22.76 4.80 -42.48
CA GLU D 241 -22.59 6.10 -43.13
C GLU D 241 -22.57 7.27 -42.16
N VAL D 242 -23.43 7.21 -41.13
CA VAL D 242 -23.56 8.22 -40.07
C VAL D 242 -22.24 8.35 -39.27
N LEU D 243 -21.63 7.20 -38.92
CA LEU D 243 -20.39 7.09 -38.18
C LEU D 243 -19.18 7.54 -39.00
N LYS D 244 -19.18 7.24 -40.32
CA LYS D 244 -18.15 7.70 -41.26
C LYS D 244 -18.12 9.24 -41.28
N LYS D 245 -19.31 9.90 -41.19
CA LYS D 245 -19.45 11.35 -41.13
C LYS D 245 -18.91 11.89 -39.79
N GLN D 246 -19.20 11.22 -38.67
CA GLN D 246 -18.71 11.58 -37.33
C GLN D 246 -17.16 11.53 -37.26
N LEU D 247 -16.53 10.58 -37.99
CA LEU D 247 -15.07 10.42 -38.07
C LEU D 247 -14.36 11.65 -38.64
N CYS D 248 -15.09 12.51 -39.41
CA CYS D 248 -14.57 13.74 -40.03
C CYS D 248 -14.65 14.97 -39.12
N ARG D 249 -15.39 14.86 -38.00
CA ARG D 249 -15.55 15.90 -37.00
C ARG D 249 -14.30 15.94 -36.12
N VAL D 250 -13.74 17.14 -35.95
CA VAL D 250 -12.56 17.36 -35.12
C VAL D 250 -13.01 17.44 -33.65
N PRO D 251 -12.53 16.55 -32.74
CA PRO D 251 -12.96 16.68 -31.33
C PRO D 251 -12.54 18.00 -30.71
N ARG D 252 -13.39 18.52 -29.83
CA ARG D 252 -13.09 19.74 -29.07
C ARG D 252 -12.66 19.19 -27.70
N PRO D 253 -11.93 19.94 -26.83
CA PRO D 253 -11.61 19.37 -25.50
C PRO D 253 -12.86 18.94 -24.72
N PHE D 254 -12.74 17.87 -23.93
CA PHE D 254 -13.83 17.34 -23.14
C PHE D 254 -14.34 18.39 -22.12
N PRO D 255 -15.64 18.35 -21.73
CA PRO D 255 -16.10 19.30 -20.69
C PRO D 255 -15.52 18.92 -19.31
N LYS D 256 -15.78 19.78 -18.32
CA LYS D 256 -15.33 19.54 -16.94
C LYS D 256 -16.59 19.37 -16.12
N LEU D 257 -16.53 18.47 -15.14
CA LEU D 257 -17.66 18.29 -14.23
C LEU D 257 -17.40 19.15 -13.01
N ARG D 258 -18.39 19.98 -12.64
CA ARG D 258 -18.28 20.80 -11.44
C ARG D 258 -19.26 20.23 -10.43
N ILE D 259 -18.75 19.70 -9.30
CA ILE D 259 -19.55 19.17 -8.20
C ILE D 259 -19.62 20.26 -7.14
N LEU D 260 -20.84 20.70 -6.82
CA LEU D 260 -21.07 21.80 -5.86
C LEU D 260 -21.04 21.31 -4.43
N MET D 261 -21.47 20.08 -4.22
CA MET D 261 -21.55 19.41 -2.91
C MET D 261 -21.75 17.93 -3.11
N ALA D 262 -21.42 17.15 -2.08
CA ALA D 262 -21.61 15.70 -2.03
C ALA D 262 -22.49 15.41 -0.81
N PRO D 263 -23.66 14.73 -0.96
CA PRO D 263 -24.47 14.42 0.24
C PRO D 263 -23.86 13.25 1.03
N GLU D 264 -24.36 12.98 2.26
CA GLU D 264 -23.89 11.86 3.09
C GLU D 264 -24.17 10.47 2.42
N LYS D 265 -25.31 10.33 1.73
CA LYS D 265 -25.72 9.11 1.04
C LYS D 265 -25.77 9.39 -0.45
N ILE D 266 -25.15 8.52 -1.24
CA ILE D 266 -25.07 8.67 -2.69
C ILE D 266 -26.47 8.77 -3.37
N GLU D 267 -27.52 8.08 -2.85
CA GLU D 267 -28.85 8.08 -3.45
C GLU D 267 -29.59 9.42 -3.28
N ASP D 268 -28.98 10.37 -2.48
CA ASP D 268 -29.48 11.72 -2.21
C ASP D 268 -28.79 12.75 -3.11
N PHE D 269 -27.92 12.32 -4.07
CA PHE D 269 -27.36 13.26 -5.07
C PHE D 269 -28.53 13.65 -5.98
N THR D 270 -28.66 14.93 -6.34
CA THR D 270 -29.66 15.46 -7.27
C THR D 270 -28.88 16.13 -8.42
N ILE D 271 -29.53 16.31 -9.60
CA ILE D 271 -28.97 16.95 -10.81
C ILE D 271 -28.45 18.37 -10.46
N ASP D 272 -29.06 19.02 -9.44
CA ASP D 272 -28.70 20.38 -9.01
C ASP D 272 -27.33 20.50 -8.32
N MET D 273 -26.75 19.37 -7.86
CA MET D 273 -25.51 19.31 -7.10
C MET D 273 -24.25 19.30 -7.93
N PHE D 274 -24.41 19.23 -9.27
CA PHE D 274 -23.28 19.18 -10.20
C PHE D 274 -23.75 19.63 -11.57
N TYR D 275 -22.81 19.99 -12.48
CA TYR D 275 -23.14 20.41 -13.85
C TYR D 275 -21.91 20.30 -14.80
N LEU D 276 -22.17 20.31 -16.12
CA LEU D 276 -21.11 20.31 -17.14
C LEU D 276 -20.64 21.70 -17.43
N GLU D 277 -19.33 21.91 -17.38
CA GLU D 277 -18.73 23.20 -17.69
C GLU D 277 -17.97 23.11 -19.00
N GLY D 278 -18.27 24.01 -19.92
CA GLY D 278 -17.60 24.11 -21.20
C GLY D 278 -17.86 22.97 -22.17
N TYR D 279 -19.10 22.41 -22.15
CA TYR D 279 -19.49 21.35 -23.08
C TYR D 279 -19.85 21.98 -24.43
N GLN D 280 -18.99 21.75 -25.44
CA GLN D 280 -19.13 22.29 -26.79
C GLN D 280 -19.28 21.16 -27.85
N PRO D 281 -20.42 20.40 -27.89
CA PRO D 281 -20.55 19.33 -28.90
C PRO D 281 -20.80 19.88 -30.30
N HIS D 282 -20.62 19.01 -31.32
CA HIS D 282 -20.88 19.36 -32.71
C HIS D 282 -22.38 19.23 -32.96
N SER D 283 -22.95 20.29 -33.55
CA SER D 283 -24.36 20.42 -33.90
C SER D 283 -24.71 19.73 -35.22
#